data_1CQZ
#
_entry.id   1CQZ
#
_cell.length_a   151.900
_cell.length_b   143.000
_cell.length_c   60.000
_cell.angle_alpha   90.00
_cell.angle_beta   90.00
_cell.angle_gamma   90.00
#
_symmetry.space_group_name_H-M   'P 21 21 2'
#
loop_
_entity.id
_entity.type
_entity.pdbx_description
1 polymer 'EPOXIDE HYDROLASE'
2 water water
#
_entity_poly.entity_id   1
_entity_poly.type   'polypeptide(L)'
_entity_poly.pdbx_seq_one_letter_code
;MALRVAAFDLDGVLALPSIAGAFRRSEEALALPRDFLLGAYQTEFPEGPTEQLMKGKITFSQWVPLMDESYRKSSKACGA
NLPENFSISQIFSQAMAARSINRPMLQAAIALKKKGFTTCIVTNNWLDDGDKRDSLAQMMCELSQHFDFLIESCQVGMIK
PEPQIYNFLLDTLKAKPNEVVFLDDFGSNLKPARDMGMVTILVHNTASALRELEKVTGTQFPEAPLPVPCNPNDVSHGYV
TVKPGIRLHFVEMGSGPALCLCHGFPESWFSWRYQIPALAQAGFRVLAIDMKGYGDSSSPPEIEEYAMELLCKEMVTFLD
KLGIPQAVFIGHDWAGVMVWNMALFYPERVRAVASLNTPFMPPDPDVSPMKVIRSIPVFNYQLYFQEPGVAEAELEKNMS
RTFKSFFRASDETGFIAVHKATEIGGILVNTPEDPNLSKITTEEEIEFYIQQFKKTGFRGPLNWYRNTERNWKWSCKGLG
RKILVPALMVTAEKDIVLRPEMSKNMEKWIPFLKRGHIEDCGHWTQIEKPTEVNQILIKWLQTEVQNPSVTSKI
;
_entity_poly.pdbx_strand_id   A,B
#
# COMPACT_ATOMS: atom_id res chain seq x y z
N ARG A 4 29.26 4.73 23.13
CA ARG A 4 30.18 5.69 22.44
C ARG A 4 29.61 6.12 21.07
N VAL A 5 30.18 7.17 20.49
CA VAL A 5 29.68 7.70 19.23
C VAL A 5 30.64 7.72 18.06
N ALA A 6 30.04 7.79 16.87
CA ALA A 6 30.72 7.81 15.56
C ALA A 6 29.98 8.80 14.69
N ALA A 7 30.65 9.86 14.25
CA ALA A 7 30.02 10.86 13.41
C ALA A 7 30.55 10.80 11.98
N PHE A 8 29.67 11.06 11.01
CA PHE A 8 30.09 11.04 9.62
C PHE A 8 29.51 12.20 8.85
N ASP A 9 30.25 12.66 7.84
CA ASP A 9 29.84 13.75 6.93
C ASP A 9 29.15 13.04 5.77
N LEU A 10 28.81 13.79 4.73
CA LEU A 10 28.12 13.23 3.60
C LEU A 10 28.61 13.90 2.29
N ASP A 11 29.03 15.17 2.39
CA ASP A 11 29.52 15.96 1.25
C ASP A 11 30.37 15.05 0.39
N GLY A 12 30.96 14.05 1.05
CA GLY A 12 31.80 13.03 0.45
C GLY A 12 32.31 11.94 1.41
N VAL A 13 31.43 11.32 2.20
CA VAL A 13 31.90 10.25 3.09
C VAL A 13 30.87 9.14 3.20
N LEU A 14 29.60 9.49 3.13
CA LEU A 14 28.62 8.45 3.13
C LEU A 14 28.00 8.54 1.72
N ALA A 15 28.44 9.52 0.92
CA ALA A 15 27.94 9.66 -0.47
C ALA A 15 29.01 10.13 -1.44
N LEU A 16 29.13 9.40 -2.53
CA LEU A 16 30.11 9.64 -3.60
C LEU A 16 29.58 9.27 -5.03
N PRO A 17 30.21 9.86 -6.08
CA PRO A 17 31.34 10.80 -6.02
C PRO A 17 31.06 12.07 -5.20
N SER A 18 32.10 12.62 -4.56
CA SER A 18 31.97 13.83 -3.74
C SER A 18 31.15 14.94 -4.45
N ILE A 19 31.19 16.17 -3.93
CA ILE A 19 30.46 17.29 -4.56
C ILE A 19 31.46 18.36 -5.05
N GLY A 48 29.39 34.11 0.90
CA GLY A 48 28.39 35.17 0.50
C GLY A 48 26.99 34.57 0.47
N PRO A 49 26.40 34.38 -0.73
CA PRO A 49 25.04 33.80 -0.85
C PRO A 49 25.08 32.26 -0.64
N THR A 50 26.20 31.66 -1.03
CA THR A 50 26.41 30.23 -0.91
C THR A 50 26.73 29.94 0.55
N GLU A 51 27.52 30.84 1.12
CA GLU A 51 27.92 30.73 2.52
C GLU A 51 26.69 30.57 3.41
N GLN A 52 25.52 30.88 2.88
CA GLN A 52 24.29 30.79 3.65
C GLN A 52 23.26 29.84 3.09
N LEU A 53 23.58 29.15 2.00
CA LEU A 53 22.63 28.19 1.46
C LEU A 53 22.73 27.07 2.47
N MET A 54 23.97 26.91 2.92
CA MET A 54 24.33 25.92 3.92
C MET A 54 23.59 26.20 5.23
N LYS A 55 23.61 27.45 5.68
CA LYS A 55 22.94 27.84 6.92
C LYS A 55 21.42 27.63 6.76
N GLY A 56 20.86 27.95 5.59
CA GLY A 56 19.42 27.71 5.37
C GLY A 56 18.43 28.83 5.02
N LYS A 57 18.95 30.03 4.75
CA LYS A 57 18.12 31.18 4.41
C LYS A 57 17.55 31.19 2.98
N ILE A 58 18.38 30.82 2.02
CA ILE A 58 17.93 30.75 0.63
C ILE A 58 17.85 29.28 0.29
N THR A 59 16.94 28.91 -0.62
CA THR A 59 16.86 27.50 -1.03
C THR A 59 17.93 27.20 -2.07
N PHE A 60 17.66 26.25 -2.93
CA PHE A 60 18.65 25.93 -3.96
C PHE A 60 18.23 26.64 -5.23
N SER A 61 17.02 26.31 -5.69
CA SER A 61 16.43 26.90 -6.87
C SER A 61 16.59 28.42 -6.86
N GLN A 62 16.47 29.03 -5.67
CA GLN A 62 16.63 30.49 -5.51
C GLN A 62 18.15 30.68 -5.34
N TRP A 63 18.81 30.76 -6.51
CA TRP A 63 20.25 30.88 -6.62
C TRP A 63 20.76 31.45 -7.94
N GLN A 90 24.77 25.87 -13.28
CA GLN A 90 23.68 24.84 -13.16
C GLN A 90 24.16 23.40 -13.44
N ILE A 91 25.12 23.30 -14.37
CA ILE A 91 25.71 22.02 -14.76
C ILE A 91 26.48 21.51 -13.54
N PHE A 92 25.70 21.15 -12.52
CA PHE A 92 26.24 20.67 -11.25
C PHE A 92 25.10 20.00 -10.49
N SER A 93 23.85 20.35 -10.81
CA SER A 93 22.73 19.73 -10.11
C SER A 93 22.82 18.22 -10.29
N GLN A 94 23.06 17.79 -11.53
CA GLN A 94 23.19 16.37 -11.81
C GLN A 94 24.39 15.79 -11.04
N ALA A 95 25.39 16.63 -10.72
CA ALA A 95 26.57 16.19 -9.96
C ALA A 95 26.10 15.72 -8.59
N MET A 96 24.87 16.12 -8.27
CA MET A 96 24.22 15.73 -7.04
C MET A 96 23.50 14.40 -7.37
N ALA A 97 22.74 14.41 -8.48
CA ALA A 97 22.00 13.24 -8.94
C ALA A 97 22.91 12.03 -9.24
N ALA A 98 23.97 12.26 -10.01
CA ALA A 98 24.90 11.20 -10.36
C ALA A 98 25.82 10.73 -9.21
N ARG A 99 25.40 10.90 -7.96
CA ARG A 99 26.19 10.43 -6.80
C ARG A 99 25.33 9.47 -5.98
N SER A 100 25.95 8.55 -5.23
CA SER A 100 25.19 7.58 -4.42
C SER A 100 25.83 7.22 -3.07
N ILE A 101 25.27 6.21 -2.40
CA ILE A 101 25.81 5.80 -1.12
C ILE A 101 27.14 5.05 -1.21
N ASN A 102 27.90 5.19 -0.14
CA ASN A 102 29.21 4.57 0.00
C ASN A 102 28.94 3.42 0.98
N ARG A 103 28.63 2.25 0.42
CA ARG A 103 28.27 1.07 1.21
C ARG A 103 29.32 0.54 2.19
N PRO A 104 30.61 0.54 1.82
CA PRO A 104 31.57 0.05 2.82
C PRO A 104 31.52 0.99 4.02
N MET A 105 31.34 2.30 3.76
CA MET A 105 31.22 3.33 4.81
C MET A 105 29.88 3.19 5.55
N LEU A 106 28.81 2.92 4.79
CA LEU A 106 27.49 2.75 5.43
C LEU A 106 27.51 1.45 6.25
N GLN A 107 28.22 0.46 5.73
CA GLN A 107 28.33 -0.83 6.39
C GLN A 107 29.00 -0.64 7.73
N ALA A 108 30.19 -0.05 7.71
CA ALA A 108 30.93 0.22 8.94
C ALA A 108 30.00 0.79 10.02
N ALA A 109 29.18 1.78 9.64
CA ALA A 109 28.23 2.48 10.53
C ALA A 109 27.14 1.57 11.15
N ILE A 110 26.52 0.73 10.33
CA ILE A 110 25.51 -0.21 10.83
C ILE A 110 26.18 -1.22 11.72
N ALA A 111 27.48 -1.39 11.50
CA ALA A 111 28.26 -2.28 12.30
C ALA A 111 28.22 -1.72 13.71
N LEU A 112 28.87 -0.57 13.90
CA LEU A 112 28.93 0.10 15.21
C LEU A 112 27.57 0.23 15.83
N LYS A 113 26.56 0.46 15.01
CA LYS A 113 25.21 0.56 15.53
C LYS A 113 24.81 -0.81 16.06
N LYS A 114 24.98 -1.85 15.23
CA LYS A 114 24.66 -3.21 15.69
C LYS A 114 25.48 -3.37 16.97
N LYS A 115 26.77 -3.02 16.88
CA LYS A 115 27.67 -3.10 18.02
C LYS A 115 27.31 -2.22 19.20
N GLY A 116 26.24 -1.42 19.05
CA GLY A 116 25.80 -0.54 20.12
C GLY A 116 26.60 0.75 20.26
N PHE A 117 26.42 1.67 19.31
CA PHE A 117 27.11 2.97 19.28
C PHE A 117 26.08 3.99 18.89
N THR A 118 26.31 5.23 19.26
CA THR A 118 25.37 6.23 18.84
C THR A 118 26.01 6.63 17.50
N THR A 119 25.23 6.65 16.43
CA THR A 119 25.82 7.03 15.13
C THR A 119 25.15 8.25 14.54
N CYS A 120 25.90 9.01 13.75
CA CYS A 120 25.31 10.19 13.14
C CYS A 120 25.99 10.86 11.95
N ILE A 121 25.26 11.85 11.44
CA ILE A 121 25.64 12.66 10.30
C ILE A 121 25.54 14.19 10.62
N VAL A 122 26.67 14.86 10.55
CA VAL A 122 26.75 16.30 10.74
C VAL A 122 27.29 16.76 9.38
N THR A 123 26.42 17.34 8.56
CA THR A 123 26.85 17.74 7.25
C THR A 123 26.42 19.17 6.94
N ASN A 124 27.12 19.83 6.02
CA ASN A 124 26.74 21.18 5.60
C ASN A 124 25.73 20.89 4.45
N ASN A 125 24.45 20.90 4.79
CA ASN A 125 23.36 20.60 3.88
C ASN A 125 22.94 21.80 3.04
N TRP A 126 21.73 21.72 2.52
CA TRP A 126 21.12 22.77 1.72
C TRP A 126 19.75 22.26 1.29
N LEU A 127 18.80 23.16 1.01
CA LEU A 127 17.43 22.76 0.62
C LEU A 127 17.26 22.62 -0.88
N ASP A 128 16.99 21.41 -1.33
CA ASP A 128 16.84 21.14 -2.74
C ASP A 128 15.43 21.18 -3.32
N ASP A 129 15.02 22.33 -3.86
CA ASP A 129 13.71 22.41 -4.48
C ASP A 129 13.92 22.06 -5.96
N GLY A 130 15.04 21.37 -6.22
CA GLY A 130 15.39 20.94 -7.57
C GLY A 130 14.30 20.22 -8.38
N ASP A 131 14.64 19.90 -9.62
CA ASP A 131 13.70 19.19 -10.50
C ASP A 131 14.05 17.71 -10.32
N LYS A 132 15.32 17.50 -9.94
CA LYS A 132 15.85 16.17 -9.68
C LYS A 132 16.26 16.25 -8.22
N ARG A 133 15.28 16.33 -7.34
CA ARG A 133 15.55 16.43 -5.91
C ARG A 133 15.25 15.10 -5.21
N ASP A 134 14.53 14.22 -5.91
CA ASP A 134 14.23 12.87 -5.39
C ASP A 134 15.51 12.02 -5.23
N SER A 135 16.57 12.38 -5.92
CA SER A 135 17.83 11.64 -5.76
C SER A 135 18.10 11.69 -4.27
N LEU A 136 18.21 12.93 -3.79
CA LEU A 136 18.47 13.25 -2.39
C LEU A 136 17.44 12.62 -1.43
N ALA A 137 16.16 12.63 -1.81
CA ALA A 137 15.13 12.02 -0.99
C ALA A 137 15.52 10.55 -0.72
N GLN A 138 15.70 9.73 -1.78
CA GLN A 138 16.10 8.29 -1.67
C GLN A 138 17.35 8.12 -0.79
N MET A 139 18.42 8.83 -1.15
CA MET A 139 19.66 8.75 -0.39
C MET A 139 19.44 9.02 1.09
N MET A 140 18.64 10.05 1.35
CA MET A 140 18.33 10.45 2.70
C MET A 140 17.39 9.44 3.33
N CYS A 141 16.25 9.20 2.68
CA CYS A 141 15.27 8.23 3.17
C CYS A 141 15.94 6.96 3.58
N GLU A 142 16.86 6.49 2.72
CA GLU A 142 17.61 5.25 2.92
C GLU A 142 18.58 5.24 4.09
N LEU A 143 19.41 6.28 4.15
CA LEU A 143 20.37 6.45 5.22
C LEU A 143 19.65 6.59 6.59
N SER A 144 18.46 7.19 6.52
CA SER A 144 17.61 7.46 7.67
C SER A 144 17.64 6.45 8.81
N GLN A 145 17.41 5.21 8.46
CA GLN A 145 17.32 4.13 9.43
C GLN A 145 18.59 3.70 10.14
N HIS A 146 19.74 4.15 9.67
CA HIS A 146 20.98 3.72 10.29
C HIS A 146 21.63 4.73 11.22
N PHE A 147 20.98 5.88 11.40
CA PHE A 147 21.51 6.90 12.29
C PHE A 147 20.43 7.43 13.20
N ASP A 148 20.80 7.57 14.48
CA ASP A 148 19.87 8.04 15.49
C ASP A 148 19.60 9.57 15.47
N PHE A 149 20.59 10.36 15.05
CA PHE A 149 20.46 11.82 14.99
C PHE A 149 20.98 12.38 13.67
N LEU A 150 20.36 13.44 13.17
CA LEU A 150 20.82 14.03 11.93
C LEU A 150 21.02 15.55 11.98
N ILE A 151 22.25 15.95 12.26
CA ILE A 151 22.65 17.33 12.37
C ILE A 151 23.03 17.98 11.02
N GLU A 152 21.99 18.29 10.26
CA GLU A 152 22.12 18.88 8.93
C GLU A 152 22.20 20.40 9.04
N SER A 153 23.30 20.98 8.57
CA SER A 153 23.53 22.43 8.62
C SER A 153 22.37 23.39 8.23
N CYS A 154 21.81 23.22 7.04
CA CYS A 154 20.76 24.09 6.62
C CYS A 154 19.49 23.97 7.48
N GLN A 155 19.53 23.13 8.51
CA GLN A 155 18.37 22.90 9.39
C GLN A 155 18.49 23.54 10.78
N VAL A 156 19.71 23.59 11.30
CA VAL A 156 19.98 24.16 12.62
C VAL A 156 20.75 25.48 12.52
N GLY A 157 20.93 25.99 11.30
CA GLY A 157 21.65 27.24 11.12
C GLY A 157 23.04 27.23 11.72
N MET A 158 23.97 26.63 11.00
CA MET A 158 25.37 26.52 11.43
C MET A 158 26.10 25.78 10.32
N ILE A 159 27.40 26.01 10.19
CA ILE A 159 28.15 25.38 9.11
C ILE A 159 29.59 25.14 9.52
N LYS A 160 30.12 23.95 9.23
CA LYS A 160 31.50 23.68 9.60
C LYS A 160 32.38 24.66 8.81
N PRO A 161 33.48 25.12 9.41
CA PRO A 161 33.98 24.79 10.76
C PRO A 161 33.46 25.62 11.94
N GLU A 162 32.39 26.40 11.72
CA GLU A 162 31.81 27.24 12.79
C GLU A 162 31.69 26.35 14.03
N PRO A 163 32.56 26.57 15.02
CA PRO A 163 32.69 25.86 16.30
C PRO A 163 31.41 25.54 17.09
N GLN A 164 30.33 26.25 16.76
CA GLN A 164 29.07 26.06 17.46
C GLN A 164 28.36 24.75 17.10
N ILE A 165 28.40 24.37 15.81
CA ILE A 165 27.77 23.14 15.33
C ILE A 165 28.27 21.95 16.15
N TYR A 166 29.57 21.93 16.42
CA TYR A 166 30.19 20.86 17.19
C TYR A 166 29.73 20.86 18.64
N ASN A 167 29.53 22.06 19.17
CA ASN A 167 29.08 22.17 20.53
C ASN A 167 27.62 21.73 20.54
N PHE A 168 26.99 21.76 19.35
CA PHE A 168 25.59 21.37 19.17
C PHE A 168 25.44 19.86 18.98
N LEU A 169 26.44 19.29 18.37
CA LEU A 169 26.42 17.87 18.18
C LEU A 169 26.58 17.26 19.57
N LEU A 170 27.63 17.67 20.25
CA LEU A 170 27.89 17.14 21.57
C LEU A 170 26.67 17.22 22.49
N ASP A 171 26.01 18.38 22.48
CA ASP A 171 24.81 18.64 23.30
C ASP A 171 23.75 17.59 23.01
N THR A 172 23.30 17.56 21.75
CA THR A 172 22.30 16.64 21.30
C THR A 172 22.62 15.24 21.79
N LEU A 173 23.71 14.71 21.27
CA LEU A 173 24.18 13.39 21.62
C LEU A 173 24.13 13.15 23.12
N LYS A 174 24.55 14.17 23.87
CA LYS A 174 24.60 14.10 25.34
C LYS A 174 25.95 13.47 25.72
N ALA A 175 27.06 14.13 25.39
CA ALA A 175 28.35 13.53 25.73
C ALA A 175 29.56 14.44 25.58
N LYS A 176 30.71 13.90 25.99
CA LYS A 176 32.01 14.58 25.94
C LYS A 176 32.77 14.29 24.64
N PRO A 177 33.63 15.25 24.21
CA PRO A 177 34.44 15.12 22.99
C PRO A 177 35.29 13.84 22.94
N ASN A 178 35.40 13.14 24.07
CA ASN A 178 36.17 11.91 24.11
C ASN A 178 35.44 10.81 23.36
N GLU A 179 34.37 10.32 23.98
CA GLU A 179 33.60 9.25 23.38
C GLU A 179 32.91 9.67 22.09
N VAL A 180 33.67 10.20 21.15
CA VAL A 180 33.10 10.62 19.88
C VAL A 180 34.12 10.77 18.75
N VAL A 181 34.01 9.90 17.76
CA VAL A 181 34.92 9.97 16.61
C VAL A 181 34.16 10.57 15.43
N PHE A 182 34.84 11.50 14.78
CA PHE A 182 34.28 12.23 13.67
C PHE A 182 35.04 11.93 12.38
N LEU A 183 34.28 11.85 11.28
CA LEU A 183 34.81 11.56 9.95
C LEU A 183 34.48 12.62 8.89
N ASP A 184 35.51 13.26 8.35
CA ASP A 184 35.31 14.29 7.33
C ASP A 184 36.39 14.22 6.24
N ASP A 185 35.98 14.49 5.01
CA ASP A 185 36.85 14.46 3.83
C ASP A 185 37.56 15.78 3.56
N PHE A 186 37.41 16.75 4.47
CA PHE A 186 38.02 18.06 4.28
C PHE A 186 39.20 18.40 5.16
N GLY A 187 39.21 17.83 6.37
CA GLY A 187 40.32 18.09 7.29
C GLY A 187 40.42 19.49 7.87
N SER A 188 40.04 20.50 7.10
CA SER A 188 40.06 21.87 7.59
C SER A 188 38.75 22.06 8.37
N ASN A 189 37.79 21.17 8.10
CA ASN A 189 36.47 21.16 8.75
C ASN A 189 36.58 20.17 9.93
N LEU A 190 37.81 19.69 10.14
CA LEU A 190 38.08 18.74 11.21
C LEU A 190 38.92 19.35 12.33
N LYS A 191 39.72 20.38 12.01
CA LYS A 191 40.59 21.01 13.02
C LYS A 191 39.87 21.19 14.38
N PRO A 192 38.71 21.89 14.40
CA PRO A 192 37.94 22.13 15.65
C PRO A 192 37.68 20.92 16.57
N ALA A 193 37.26 19.80 15.98
CA ALA A 193 36.94 18.54 16.72
C ALA A 193 38.09 17.89 17.50
N ARG A 194 39.30 17.85 16.94
CA ARG A 194 40.46 17.29 17.64
C ARG A 194 40.83 18.35 18.68
N ASP A 195 40.55 19.61 18.34
CA ASP A 195 40.82 20.78 19.20
C ASP A 195 39.95 20.71 20.47
N MET A 196 38.76 20.12 20.31
CA MET A 196 37.75 19.94 21.38
C MET A 196 37.99 18.71 22.28
N GLY A 197 38.83 17.79 21.82
CA GLY A 197 39.11 16.58 22.56
C GLY A 197 38.43 15.35 21.97
N MET A 198 38.01 15.44 20.71
CA MET A 198 37.39 14.28 20.07
C MET A 198 38.25 13.67 18.95
N VAL A 199 38.05 12.37 18.71
CA VAL A 199 38.81 11.64 17.72
C VAL A 199 38.45 11.94 16.27
N THR A 200 39.43 12.48 15.55
CA THR A 200 39.26 12.86 14.15
C THR A 200 39.79 11.81 13.20
N ILE A 201 39.13 11.66 12.06
CA ILE A 201 39.61 10.74 11.05
C ILE A 201 39.36 11.41 9.71
N LEU A 202 40.38 11.39 8.86
CA LEU A 202 40.35 12.02 7.54
C LEU A 202 40.12 11.07 6.40
N VAL A 203 38.94 11.13 5.78
CA VAL A 203 38.61 10.27 4.65
C VAL A 203 39.36 10.75 3.41
N HIS A 204 40.37 9.99 2.98
CA HIS A 204 41.14 10.36 1.80
C HIS A 204 40.83 9.41 0.64
N ASN A 205 40.91 8.11 0.96
CA ASN A 205 40.65 7.02 0.00
C ASN A 205 39.16 7.00 -0.35
N THR A 206 38.61 5.80 -0.56
CA THR A 206 37.18 5.70 -0.84
C THR A 206 36.57 4.89 0.30
N ALA A 207 37.25 4.98 1.45
CA ALA A 207 36.87 4.35 2.73
C ALA A 207 37.98 3.53 3.34
N SER A 208 38.75 2.88 2.48
CA SER A 208 39.83 1.99 2.87
C SER A 208 40.60 2.26 4.17
N ALA A 209 41.64 3.08 4.08
CA ALA A 209 42.49 3.43 5.23
C ALA A 209 41.63 4.18 6.24
N LEU A 210 40.54 4.73 5.71
CA LEU A 210 39.58 5.46 6.52
C LEU A 210 38.98 4.45 7.51
N ARG A 211 38.11 3.56 7.01
CA ARG A 211 37.45 2.56 7.84
C ARG A 211 38.49 1.73 8.62
N GLU A 212 39.74 1.70 8.17
CA GLU A 212 40.81 0.97 8.87
C GLU A 212 41.23 1.68 10.19
N LEU A 213 41.82 2.88 10.16
CA LEU A 213 42.18 3.53 11.44
C LEU A 213 40.87 3.69 12.18
N GLU A 214 39.79 3.55 11.41
CA GLU A 214 38.43 3.63 11.94
C GLU A 214 38.09 2.33 12.64
N LYS A 215 38.69 1.25 12.15
CA LYS A 215 38.47 -0.04 12.77
C LYS A 215 39.47 -0.15 13.93
N VAL A 216 40.66 0.45 13.75
CA VAL A 216 41.70 0.42 14.77
C VAL A 216 41.17 1.12 15.99
N THR A 217 40.08 1.85 15.81
CA THR A 217 39.45 2.54 16.91
C THR A 217 38.17 1.79 17.38
N GLY A 218 37.19 1.59 16.49
CA GLY A 218 36.02 0.85 16.91
C GLY A 218 36.43 -0.61 17.04
N THR A 219 36.12 -1.39 16.00
CA THR A 219 36.47 -2.82 15.91
C THR A 219 36.69 -3.30 14.48
N GLN A 220 36.05 -4.42 14.13
CA GLN A 220 36.23 -5.03 12.80
C GLN A 220 35.01 -5.25 11.94
N PHE A 221 34.93 -4.55 10.83
CA PHE A 221 33.80 -4.73 9.93
C PHE A 221 34.34 -5.67 8.87
N PRO A 222 33.46 -6.43 8.19
CA PRO A 222 33.92 -7.37 7.15
C PRO A 222 34.17 -6.69 5.80
N GLU A 223 34.05 -7.46 4.71
CA GLU A 223 34.25 -6.91 3.35
C GLU A 223 33.14 -7.42 2.42
N ALA A 224 32.61 -8.60 2.73
CA ALA A 224 31.50 -9.17 1.96
C ALA A 224 30.48 -9.34 3.06
N PRO A 225 29.71 -8.28 3.31
CA PRO A 225 28.69 -8.28 4.36
C PRO A 225 27.32 -8.65 3.88
N LEU A 226 26.47 -8.92 4.85
CA LEU A 226 25.13 -9.30 4.51
C LEU A 226 24.33 -8.05 4.16
N PRO A 227 23.25 -8.25 3.41
CA PRO A 227 22.46 -7.08 3.06
C PRO A 227 21.73 -6.72 4.37
N VAL A 228 21.65 -5.44 4.68
CA VAL A 228 21.01 -5.00 5.91
C VAL A 228 19.59 -5.51 6.11
N PRO A 229 19.30 -5.99 7.32
CA PRO A 229 17.98 -6.52 7.74
C PRO A 229 17.11 -5.42 8.32
N CYS A 230 15.87 -5.36 7.87
CA CYS A 230 14.97 -4.38 8.40
C CYS A 230 14.56 -5.02 9.73
N ASN A 231 13.83 -4.31 10.60
CA ASN A 231 13.42 -4.93 11.85
C ASN A 231 12.78 -4.04 12.87
N PRO A 232 11.57 -4.43 13.30
CA PRO A 232 10.35 -5.22 13.42
C PRO A 232 9.30 -4.41 14.19
N ASN A 233 9.60 -3.12 14.37
CA ASN A 233 8.75 -2.12 15.05
C ASN A 233 9.13 -0.77 14.37
N ASP A 234 10.32 -0.79 13.76
CA ASP A 234 10.87 0.33 13.01
C ASP A 234 10.29 0.26 11.60
N VAL A 235 9.12 -0.37 11.45
CA VAL A 235 8.46 -0.56 10.17
C VAL A 235 6.98 -0.30 10.36
N SER A 236 6.26 -0.09 9.24
CA SER A 236 4.82 0.18 9.19
C SER A 236 4.06 -1.13 9.17
N HIS A 237 3.03 -1.25 9.98
CA HIS A 237 2.26 -2.48 10.05
C HIS A 237 0.86 -2.28 9.51
N GLY A 238 0.46 -3.05 8.50
CA GLY A 238 -0.87 -2.91 7.91
C GLY A 238 -1.88 -3.95 8.39
N TYR A 239 -3.16 -3.74 8.17
CA TYR A 239 -4.13 -4.71 8.62
C TYR A 239 -5.33 -4.56 7.71
N VAL A 240 -5.72 -5.66 7.08
CA VAL A 240 -6.84 -5.67 6.16
C VAL A 240 -7.83 -6.74 6.61
N THR A 241 -9.11 -6.45 6.53
CA THR A 241 -10.09 -7.42 6.95
C THR A 241 -10.77 -7.88 5.69
N VAL A 242 -10.37 -9.07 5.27
CA VAL A 242 -10.87 -9.68 4.03
C VAL A 242 -12.28 -10.28 4.09
N LYS A 243 -12.65 -10.84 5.24
CA LYS A 243 -13.97 -11.48 5.43
C LYS A 243 -14.33 -11.23 6.90
N PRO A 244 -15.62 -11.31 7.25
CA PRO A 244 -16.02 -11.06 8.64
C PRO A 244 -14.97 -11.40 9.68
N GLY A 245 -14.81 -12.65 10.08
CA GLY A 245 -13.81 -12.88 11.12
C GLY A 245 -12.33 -12.79 10.76
N ILE A 246 -12.00 -12.86 9.46
CA ILE A 246 -10.61 -12.90 9.00
C ILE A 246 -9.90 -11.63 8.56
N ARG A 247 -8.67 -11.47 9.01
CA ARG A 247 -7.94 -10.28 8.69
C ARG A 247 -6.46 -10.59 8.59
N LEU A 248 -5.84 -10.14 7.51
CA LEU A 248 -4.40 -10.36 7.27
C LEU A 248 -3.57 -9.20 7.77
N HIS A 249 -2.39 -9.49 8.30
CA HIS A 249 -1.48 -8.46 8.76
C HIS A 249 -0.28 -8.50 7.83
N PHE A 250 0.39 -7.37 7.65
CA PHE A 250 1.57 -7.30 6.80
C PHE A 250 2.47 -6.15 7.15
N VAL A 251 3.60 -6.06 6.48
CA VAL A 251 4.55 -5.00 6.70
C VAL A 251 4.75 -4.32 5.32
N GLU A 252 5.02 -3.02 5.33
CA GLU A 252 5.15 -2.23 4.10
C GLU A 252 6.39 -1.34 4.05
N MET A 253 7.04 -1.35 2.91
CA MET A 253 8.21 -0.50 2.76
C MET A 253 8.47 -0.19 1.29
N GLY A 254 8.84 1.06 1.02
CA GLY A 254 9.12 1.50 -0.33
C GLY A 254 7.90 2.00 -1.08
N SER A 255 8.16 2.55 -2.26
CA SER A 255 7.11 3.09 -3.11
C SER A 255 6.96 2.48 -4.51
N GLY A 256 5.68 2.17 -4.83
CA GLY A 256 5.19 1.58 -6.09
C GLY A 256 6.15 1.13 -7.15
N PRO A 257 5.84 0.09 -7.94
CA PRO A 257 4.66 -0.79 -7.97
C PRO A 257 4.70 -1.91 -6.90
N ALA A 258 3.52 -2.41 -6.57
CA ALA A 258 3.35 -3.44 -5.54
C ALA A 258 3.95 -4.81 -5.78
N LEU A 259 4.54 -5.36 -4.72
CA LEU A 259 5.10 -6.69 -4.78
C LEU A 259 4.93 -7.45 -3.44
N CYS A 260 4.04 -8.44 -3.41
CA CYS A 260 3.79 -9.20 -2.19
C CYS A 260 4.67 -10.43 -1.92
N LEU A 261 5.47 -10.34 -0.86
CA LEU A 261 6.30 -11.46 -0.42
C LEU A 261 5.49 -12.39 0.50
N CYS A 262 5.22 -13.61 0.06
CA CYS A 262 4.51 -14.58 0.90
C CYS A 262 5.45 -15.68 1.44
N HIS A 263 5.49 -15.87 2.76
CA HIS A 263 6.36 -16.85 3.43
C HIS A 263 5.80 -18.27 3.52
N GLY A 264 6.63 -19.18 4.02
CA GLY A 264 6.20 -20.56 4.15
C GLY A 264 6.23 -21.13 5.56
N PHE A 265 5.81 -22.39 5.68
CA PHE A 265 5.78 -23.08 6.96
C PHE A 265 7.17 -23.48 7.41
N PRO A 266 7.50 -23.21 8.69
CA PRO A 266 6.70 -22.57 9.73
C PRO A 266 7.37 -21.21 9.98
N GLU A 267 7.07 -20.22 9.14
CA GLU A 267 7.73 -18.92 9.30
C GLU A 267 6.84 -17.69 9.55
N SER A 268 7.29 -16.55 9.01
CA SER A 268 6.58 -15.28 9.13
C SER A 268 7.10 -14.28 8.13
N TRP A 269 6.51 -13.08 8.17
CA TRP A 269 6.92 -11.99 7.29
C TRP A 269 8.37 -11.67 7.64
N PHE A 270 8.72 -11.84 8.90
CA PHE A 270 10.06 -11.51 9.35
C PHE A 270 11.11 -12.31 8.59
N SER A 271 10.70 -13.38 7.93
CA SER A 271 11.64 -14.23 7.18
C SER A 271 12.26 -13.48 6.01
N TRP A 272 11.49 -12.61 5.39
CA TRP A 272 11.97 -11.81 4.28
C TRP A 272 12.73 -10.60 4.74
N ARG A 273 13.11 -10.58 6.01
CA ARG A 273 13.81 -9.44 6.56
C ARG A 273 14.98 -8.94 5.73
N TYR A 274 15.65 -9.81 4.98
CA TYR A 274 16.77 -9.29 4.24
C TYR A 274 16.42 -8.81 2.88
N GLN A 275 15.25 -9.20 2.39
CA GLN A 275 14.87 -8.79 1.05
C GLN A 275 13.99 -7.53 1.04
N ILE A 276 13.24 -7.32 2.11
CA ILE A 276 12.36 -6.13 2.26
C ILE A 276 13.10 -4.80 2.00
N PRO A 277 14.16 -4.49 2.77
CA PRO A 277 14.85 -3.23 2.51
C PRO A 277 15.34 -3.17 1.06
N ALA A 278 16.32 -4.03 0.76
CA ALA A 278 16.92 -4.12 -0.57
C ALA A 278 15.92 -3.98 -1.69
N LEU A 279 14.80 -4.67 -1.55
CA LEU A 279 13.74 -4.64 -2.55
C LEU A 279 13.05 -3.28 -2.68
N ALA A 280 12.89 -2.60 -1.55
CA ALA A 280 12.24 -1.31 -1.49
C ALA A 280 13.17 -0.37 -2.21
N GLN A 281 14.41 -0.34 -1.73
CA GLN A 281 15.45 0.48 -2.29
C GLN A 281 15.63 0.25 -3.78
N ALA A 282 15.23 -0.92 -4.26
CA ALA A 282 15.37 -1.29 -5.67
C ALA A 282 14.23 -0.71 -6.46
N GLY A 283 13.44 0.13 -5.82
CA GLY A 283 12.31 0.73 -6.52
C GLY A 283 10.95 0.09 -6.38
N PHE A 284 10.69 -0.71 -5.36
CA PHE A 284 9.36 -1.32 -5.28
C PHE A 284 8.63 -1.11 -3.96
N ARG A 285 7.30 -1.25 -3.98
CA ARG A 285 6.48 -1.08 -2.78
C ARG A 285 6.22 -2.47 -2.21
N VAL A 286 7.09 -2.87 -1.29
CA VAL A 286 7.01 -4.19 -0.64
C VAL A 286 5.85 -4.43 0.34
N LEU A 287 5.22 -5.59 0.25
CA LEU A 287 4.15 -5.97 1.15
C LEU A 287 4.39 -7.38 1.74
N ALA A 288 5.41 -7.52 2.56
CA ALA A 288 5.72 -8.79 3.19
C ALA A 288 4.61 -9.26 4.14
N ILE A 289 3.62 -9.98 3.62
CA ILE A 289 2.50 -10.49 4.41
C ILE A 289 2.70 -11.72 5.37
N ASP A 290 1.86 -11.78 6.43
CA ASP A 290 1.82 -12.89 7.42
C ASP A 290 0.69 -13.72 6.88
N MET A 291 1.01 -14.93 6.43
CA MET A 291 0.00 -15.79 5.83
C MET A 291 -1.13 -16.18 6.79
N LYS A 292 -2.28 -16.54 6.23
CA LYS A 292 -3.35 -16.94 7.11
C LYS A 292 -2.87 -17.99 8.12
N GLY A 293 -3.32 -17.86 9.37
CA GLY A 293 -2.92 -18.80 10.40
C GLY A 293 -1.60 -18.40 11.06
N TYR A 294 -0.89 -17.37 10.57
CA TYR A 294 0.40 -17.02 11.17
C TYR A 294 0.52 -15.67 11.84
N GLY A 295 1.50 -15.57 12.74
CA GLY A 295 1.80 -14.34 13.47
C GLY A 295 0.69 -13.38 13.90
N ASP A 296 0.57 -12.27 13.20
CA ASP A 296 -0.44 -11.25 13.53
C ASP A 296 -1.75 -11.22 12.67
N SER A 297 -1.97 -12.24 11.83
CA SER A 297 -3.19 -12.34 11.00
C SER A 297 -4.11 -13.38 11.63
N SER A 298 -5.35 -13.44 11.19
CA SER A 298 -6.31 -14.39 11.76
C SER A 298 -5.90 -15.84 11.52
N SER A 299 -5.84 -16.60 12.60
CA SER A 299 -5.44 -18.01 12.59
C SER A 299 -6.63 -18.89 13.04
N PRO A 300 -7.70 -18.99 12.23
CA PRO A 300 -8.86 -19.80 12.62
C PRO A 300 -8.49 -21.24 12.80
N PRO A 301 -9.37 -22.05 13.43
CA PRO A 301 -9.08 -23.47 13.66
C PRO A 301 -9.55 -24.45 12.58
N GLU A 302 -10.70 -24.16 11.95
CA GLU A 302 -11.22 -25.05 10.89
C GLU A 302 -10.17 -25.37 9.84
N ILE A 303 -10.14 -26.63 9.40
CA ILE A 303 -9.21 -27.10 8.39
C ILE A 303 -9.61 -26.55 7.02
N GLU A 304 -10.90 -26.63 6.72
CA GLU A 304 -11.45 -26.18 5.44
C GLU A 304 -11.04 -24.75 5.18
N GLU A 305 -10.69 -24.06 6.26
CA GLU A 305 -10.29 -22.67 6.20
C GLU A 305 -8.96 -22.43 5.48
N TYR A 306 -8.14 -23.46 5.31
CA TYR A 306 -6.83 -23.30 4.66
C TYR A 306 -6.70 -23.92 3.27
N ALA A 307 -7.85 -24.27 2.71
CA ALA A 307 -7.92 -24.83 1.38
C ALA A 307 -7.21 -23.80 0.54
N MET A 308 -6.37 -24.25 -0.38
CA MET A 308 -5.64 -23.35 -1.25
C MET A 308 -6.59 -22.51 -2.13
N GLU A 309 -7.74 -23.07 -2.51
CA GLU A 309 -8.68 -22.32 -3.34
C GLU A 309 -9.18 -21.08 -2.62
N LEU A 310 -9.50 -21.28 -1.34
CA LEU A 310 -10.01 -20.26 -0.47
C LEU A 310 -8.89 -19.29 -0.07
N LEU A 311 -7.67 -19.81 0.04
CA LEU A 311 -6.49 -19.03 0.38
C LEU A 311 -6.09 -18.09 -0.76
N CYS A 312 -6.37 -18.51 -1.97
CA CYS A 312 -5.99 -17.74 -3.14
C CYS A 312 -7.01 -16.67 -3.36
N LYS A 313 -8.27 -17.03 -3.14
CA LYS A 313 -9.37 -16.08 -3.27
C LYS A 313 -9.13 -14.91 -2.32
N GLU A 314 -8.73 -15.23 -1.09
CA GLU A 314 -8.46 -14.21 -0.10
C GLU A 314 -7.20 -13.38 -0.37
N MET A 315 -6.45 -13.68 -1.40
CA MET A 315 -5.28 -12.87 -1.67
C MET A 315 -5.80 -11.80 -2.61
N VAL A 316 -6.76 -12.20 -3.42
CA VAL A 316 -7.35 -11.26 -4.36
C VAL A 316 -8.06 -10.20 -3.54
N THR A 317 -8.90 -10.64 -2.62
CA THR A 317 -9.62 -9.72 -1.76
C THR A 317 -8.64 -8.77 -1.02
N PHE A 318 -7.54 -9.29 -0.54
CA PHE A 318 -6.54 -8.44 0.11
C PHE A 318 -6.07 -7.32 -0.84
N LEU A 319 -6.13 -7.53 -2.14
CA LEU A 319 -5.72 -6.47 -3.05
C LEU A 319 -6.89 -5.51 -3.23
N ASP A 320 -8.07 -6.03 -3.57
CA ASP A 320 -9.27 -5.22 -3.73
C ASP A 320 -9.53 -4.20 -2.58
N LYS A 321 -9.44 -4.68 -1.34
CA LYS A 321 -9.62 -3.81 -0.17
C LYS A 321 -8.50 -2.78 -0.07
N LEU A 322 -7.30 -3.17 -0.50
CA LEU A 322 -6.13 -2.32 -0.43
C LEU A 322 -6.04 -1.41 -1.62
N GLY A 323 -7.02 -1.57 -2.52
CA GLY A 323 -7.02 -0.76 -3.73
C GLY A 323 -6.05 -1.21 -4.82
N ILE A 324 -5.04 -2.04 -4.50
CA ILE A 324 -4.08 -2.51 -5.51
C ILE A 324 -4.70 -3.48 -6.53
N PRO A 325 -4.57 -3.19 -7.84
CA PRO A 325 -5.12 -4.06 -8.88
C PRO A 325 -4.18 -5.15 -9.45
N GLN A 326 -2.88 -5.02 -9.19
CA GLN A 326 -1.95 -5.99 -9.69
C GLN A 326 -0.71 -5.89 -8.86
N ALA A 327 -0.11 -7.04 -8.57
CA ALA A 327 1.12 -7.13 -7.78
C ALA A 327 1.97 -8.26 -8.34
N VAL A 328 3.24 -8.29 -7.95
CA VAL A 328 4.03 -9.42 -8.36
C VAL A 328 4.09 -10.25 -7.09
N PHE A 329 3.66 -11.50 -7.20
CA PHE A 329 3.70 -12.38 -6.08
C PHE A 329 4.94 -13.18 -6.11
N ILE A 330 5.60 -13.24 -4.99
CA ILE A 330 6.74 -14.10 -4.92
C ILE A 330 6.67 -14.94 -3.63
N GLY A 331 6.46 -16.23 -3.79
CA GLY A 331 6.36 -17.11 -2.63
C GLY A 331 7.54 -18.04 -2.40
N HIS A 332 7.46 -18.80 -1.30
CA HIS A 332 8.51 -19.72 -0.94
C HIS A 332 7.84 -20.79 -0.10
N ASP A 333 8.28 -22.05 -0.25
CA ASP A 333 7.72 -23.19 0.49
C ASP A 333 6.25 -23.33 0.10
N TRP A 334 5.35 -23.30 1.06
CA TRP A 334 3.92 -23.41 0.78
C TRP A 334 3.37 -22.20 -0.01
N ALA A 335 3.81 -21.00 0.32
CA ALA A 335 3.33 -19.81 -0.37
C ALA A 335 3.65 -19.98 -1.85
N GLY A 336 4.85 -20.54 -2.12
CA GLY A 336 5.31 -20.82 -3.48
C GLY A 336 4.19 -21.53 -4.26
N VAL A 337 3.56 -22.53 -3.64
CA VAL A 337 2.46 -23.27 -4.26
C VAL A 337 1.31 -22.33 -4.59
N MET A 338 0.90 -21.56 -3.57
CA MET A 338 -0.20 -20.60 -3.69
C MET A 338 0.05 -19.62 -4.83
N VAL A 339 1.23 -19.04 -4.77
CA VAL A 339 1.70 -18.10 -5.77
C VAL A 339 1.50 -18.70 -7.19
N TRP A 340 1.95 -19.95 -7.41
CA TRP A 340 1.81 -20.61 -8.73
C TRP A 340 0.35 -20.74 -9.06
N ASN A 341 -0.49 -20.93 -8.03
CA ASN A 341 -1.93 -21.04 -8.30
C ASN A 341 -2.63 -19.72 -8.51
N MET A 342 -1.99 -18.66 -8.06
CA MET A 342 -2.52 -17.32 -8.25
C MET A 342 -2.32 -17.04 -9.75
N ALA A 343 -1.09 -17.33 -10.20
CA ALA A 343 -0.74 -17.14 -11.59
C ALA A 343 -1.65 -17.96 -12.51
N LEU A 344 -2.05 -19.11 -12.01
CA LEU A 344 -2.88 -20.00 -12.79
C LEU A 344 -4.36 -19.68 -12.73
N PHE A 345 -4.81 -19.12 -11.61
CA PHE A 345 -6.22 -18.83 -11.46
C PHE A 345 -6.64 -17.36 -11.59
N TYR A 346 -5.75 -16.46 -11.21
CA TYR A 346 -6.03 -15.04 -11.26
C TYR A 346 -4.86 -14.36 -11.98
N PRO A 347 -4.77 -14.55 -13.29
CA PRO A 347 -3.68 -13.94 -14.06
C PRO A 347 -3.74 -12.40 -14.09
N GLU A 348 -4.96 -11.86 -14.24
CA GLU A 348 -5.25 -10.41 -14.26
C GLU A 348 -4.54 -9.63 -13.14
N ARG A 349 -4.50 -10.22 -11.95
CA ARG A 349 -3.92 -9.60 -10.79
C ARG A 349 -2.45 -9.90 -10.62
N VAL A 350 -1.86 -10.69 -11.51
CA VAL A 350 -0.45 -11.01 -11.32
C VAL A 350 0.50 -10.34 -12.29
N ARG A 351 1.23 -9.33 -11.81
CA ARG A 351 2.19 -8.66 -12.67
C ARG A 351 3.18 -9.77 -13.03
N ALA A 352 3.63 -10.48 -11.99
CA ALA A 352 4.58 -11.57 -12.13
C ALA A 352 4.62 -12.51 -10.94
N VAL A 353 5.28 -13.65 -11.13
CA VAL A 353 5.40 -14.69 -10.10
C VAL A 353 6.82 -15.21 -10.00
N ALA A 354 7.27 -15.46 -8.79
CA ALA A 354 8.60 -15.98 -8.58
C ALA A 354 8.39 -17.02 -7.50
N SER A 355 9.18 -18.08 -7.56
CA SER A 355 9.11 -19.10 -6.54
C SER A 355 10.50 -19.41 -6.10
N LEU A 356 10.63 -19.74 -4.82
CA LEU A 356 11.92 -20.09 -4.27
C LEU A 356 11.76 -21.53 -3.86
N ASN A 357 12.64 -22.40 -4.36
CA ASN A 357 12.60 -23.83 -4.06
C ASN A 357 11.38 -24.59 -4.57
N THR A 358 10.19 -24.06 -4.32
CA THR A 358 8.95 -24.72 -4.71
C THR A 358 8.53 -24.71 -6.16
N PRO A 359 8.63 -25.86 -6.81
CA PRO A 359 8.26 -26.03 -8.22
C PRO A 359 6.78 -25.97 -8.38
N PHE A 360 6.37 -25.82 -9.64
CA PHE A 360 4.97 -25.80 -9.95
C PHE A 360 4.71 -27.28 -10.21
N MET A 361 4.01 -27.96 -9.30
CA MET A 361 3.74 -29.38 -9.49
C MET A 361 2.25 -29.66 -9.58
N PRO A 362 1.65 -29.52 -10.76
CA PRO A 362 0.21 -29.77 -10.92
C PRO A 362 -0.10 -31.23 -10.59
N PRO A 363 -1.39 -31.57 -10.40
CA PRO A 363 -1.77 -32.95 -10.08
C PRO A 363 -2.24 -33.73 -11.31
N ASP A 364 -2.34 -35.06 -11.17
CA ASP A 364 -2.83 -35.97 -12.24
C ASP A 364 -4.23 -36.30 -11.83
N PRO A 365 -5.13 -36.33 -12.78
CA PRO A 365 -6.51 -36.65 -12.41
C PRO A 365 -6.76 -38.14 -12.23
N ASP A 366 -5.75 -38.94 -12.53
CA ASP A 366 -5.87 -40.38 -12.41
C ASP A 366 -4.81 -40.89 -11.42
N VAL A 367 -4.62 -40.15 -10.34
CA VAL A 367 -3.64 -40.53 -9.34
C VAL A 367 -3.99 -39.87 -8.03
N SER A 368 -4.80 -40.53 -7.21
CA SER A 368 -5.17 -40.00 -5.88
C SER A 368 -3.96 -39.24 -5.32
N PRO A 369 -4.18 -38.00 -4.85
CA PRO A 369 -3.14 -37.12 -4.30
C PRO A 369 -2.45 -37.61 -3.04
N MET A 370 -3.14 -38.40 -2.23
CA MET A 370 -2.55 -38.91 -1.00
C MET A 370 -1.55 -39.96 -1.39
N LYS A 371 -1.91 -40.73 -2.42
CA LYS A 371 -1.05 -41.79 -2.93
C LYS A 371 0.26 -41.16 -3.35
N VAL A 372 0.20 -40.02 -4.02
CA VAL A 372 1.43 -39.38 -4.44
C VAL A 372 2.30 -38.92 -3.26
N ILE A 373 1.68 -38.62 -2.12
CA ILE A 373 2.46 -38.21 -0.97
C ILE A 373 3.02 -39.46 -0.30
N ARG A 374 2.17 -40.50 -0.22
CA ARG A 374 2.53 -41.77 0.41
C ARG A 374 3.73 -42.46 -0.22
N SER A 375 3.96 -42.20 -1.51
CA SER A 375 5.09 -42.76 -2.25
C SER A 375 6.45 -42.08 -2.00
N ILE A 376 6.53 -40.78 -2.24
CA ILE A 376 7.79 -40.02 -2.01
C ILE A 376 8.25 -40.23 -0.57
N PRO A 377 9.40 -40.89 -0.40
CA PRO A 377 9.97 -41.19 0.92
C PRO A 377 10.26 -39.92 1.74
N VAL A 378 10.41 -38.81 1.03
CA VAL A 378 10.77 -37.55 1.68
C VAL A 378 9.63 -36.62 2.07
N PHE A 379 8.41 -37.09 1.98
CA PHE A 379 7.29 -36.28 2.40
C PHE A 379 6.65 -37.07 3.54
N ASN A 380 7.49 -37.74 4.34
CA ASN A 380 6.95 -38.52 5.43
C ASN A 380 6.29 -37.59 6.42
N TYR A 381 7.05 -36.60 6.89
CA TYR A 381 6.53 -35.63 7.85
C TYR A 381 5.20 -35.08 7.34
N GLN A 382 5.11 -34.89 6.04
CA GLN A 382 3.88 -34.38 5.50
C GLN A 382 2.72 -35.24 5.96
N LEU A 383 2.98 -36.51 6.19
CA LEU A 383 1.92 -37.42 6.62
C LEU A 383 1.76 -37.31 8.10
N TYR A 384 2.89 -37.23 8.79
CA TYR A 384 2.89 -37.08 10.23
C TYR A 384 1.95 -35.92 10.56
N PHE A 385 2.10 -34.82 9.83
CA PHE A 385 1.29 -33.61 9.98
C PHE A 385 -0.20 -33.81 9.77
N GLN A 386 -0.55 -34.71 8.86
CA GLN A 386 -1.96 -34.95 8.60
C GLN A 386 -2.86 -35.20 9.81
N GLU A 387 -2.33 -35.56 10.97
CA GLU A 387 -3.22 -35.79 12.12
C GLU A 387 -3.19 -34.66 13.14
N PRO A 388 -4.37 -34.01 13.34
CA PRO A 388 -4.69 -32.89 14.23
C PRO A 388 -4.38 -33.05 15.70
N GLY A 389 -3.56 -32.15 16.20
CA GLY A 389 -3.20 -32.18 17.60
C GLY A 389 -1.86 -32.82 17.79
N VAL A 390 -1.60 -33.82 16.95
CA VAL A 390 -0.35 -34.57 17.05
C VAL A 390 0.90 -33.75 16.82
N ALA A 391 1.14 -33.29 15.60
CA ALA A 391 2.36 -32.52 15.41
C ALA A 391 2.31 -31.19 16.20
N GLU A 392 1.11 -30.62 16.37
CA GLU A 392 0.99 -29.37 17.11
C GLU A 392 1.64 -29.57 18.46
N ALA A 393 1.19 -30.59 19.16
CA ALA A 393 1.73 -30.92 20.47
C ALA A 393 3.25 -31.03 20.50
N GLU A 394 3.87 -31.67 19.51
CA GLU A 394 5.33 -31.82 19.50
C GLU A 394 6.06 -30.52 19.28
N LEU A 395 5.67 -29.82 18.23
CA LEU A 395 6.26 -28.53 17.87
C LEU A 395 6.11 -27.47 18.99
N GLU A 396 4.93 -27.41 19.60
CA GLU A 396 4.67 -26.47 20.65
C GLU A 396 5.34 -26.77 22.01
N LYS A 397 5.57 -28.05 22.34
CA LYS A 397 6.17 -28.41 23.66
C LYS A 397 7.28 -27.47 24.07
N ASN A 398 8.18 -27.16 23.16
CA ASN A 398 9.23 -26.24 23.49
C ASN A 398 9.62 -25.60 22.17
N MET A 399 9.08 -24.40 21.96
CA MET A 399 9.28 -23.66 20.74
C MET A 399 10.73 -23.27 20.45
N SER A 400 11.55 -23.15 21.47
CA SER A 400 12.94 -22.79 21.18
C SER A 400 13.65 -23.90 20.36
N ARG A 401 13.56 -25.17 20.81
CA ARG A 401 14.16 -26.29 20.07
C ARG A 401 13.49 -26.29 18.70
N THR A 402 12.17 -26.37 18.70
CA THR A 402 11.45 -26.35 17.44
C THR A 402 12.06 -25.41 16.40
N PHE A 403 12.42 -24.19 16.78
CA PHE A 403 12.94 -23.31 15.76
C PHE A 403 14.39 -23.54 15.45
N LYS A 404 15.22 -23.73 16.46
CA LYS A 404 16.64 -23.96 16.20
C LYS A 404 16.76 -25.24 15.36
N SER A 405 15.86 -26.19 15.61
CA SER A 405 15.85 -27.46 14.89
C SER A 405 15.55 -27.20 13.42
N PHE A 406 14.45 -26.53 13.15
CA PHE A 406 14.08 -26.21 11.79
C PHE A 406 15.06 -25.33 11.02
N PHE A 407 15.50 -24.22 11.60
CA PHE A 407 16.38 -23.33 10.85
C PHE A 407 17.85 -23.54 11.03
N ARG A 408 18.43 -24.31 10.11
CA ARG A 408 19.85 -24.55 10.13
C ARG A 408 20.29 -24.53 8.66
N ALA A 409 21.57 -24.26 8.44
CA ALA A 409 22.16 -24.18 7.10
C ALA A 409 22.33 -25.51 6.38
N SER A 410 22.40 -25.47 5.05
CA SER A 410 22.57 -26.67 4.24
C SER A 410 23.83 -27.43 4.66
N ASP A 411 24.75 -26.76 5.34
CA ASP A 411 25.99 -27.40 5.78
C ASP A 411 26.06 -27.46 7.31
N GLU A 412 25.02 -28.00 7.95
CA GLU A 412 24.94 -28.07 9.40
C GLU A 412 24.25 -29.34 9.83
N THR A 413 24.46 -29.73 11.09
CA THR A 413 23.89 -30.95 11.66
C THR A 413 22.46 -30.77 12.19
N GLY A 414 22.16 -31.40 13.33
CA GLY A 414 20.84 -31.31 13.98
C GLY A 414 19.54 -31.35 13.20
N PHE A 415 19.62 -31.57 11.89
CA PHE A 415 18.49 -31.59 10.99
C PHE A 415 17.15 -32.15 11.47
N ILE A 416 16.15 -32.02 10.60
CA ILE A 416 14.78 -32.45 10.84
C ILE A 416 14.61 -33.88 10.28
N ALA A 417 13.57 -34.58 10.74
CA ALA A 417 13.28 -35.95 10.31
C ALA A 417 12.17 -36.04 9.27
N VAL A 418 12.46 -35.57 8.07
CA VAL A 418 11.46 -35.59 7.00
C VAL A 418 11.08 -36.95 6.44
N HIS A 419 12.03 -37.90 6.49
CA HIS A 419 11.87 -39.25 5.98
C HIS A 419 11.20 -40.23 6.91
N LYS A 420 11.85 -40.41 8.06
CA LYS A 420 11.44 -41.35 9.08
C LYS A 420 10.35 -40.91 10.11
N ALA A 421 9.91 -39.65 10.04
CA ALA A 421 8.89 -39.06 10.91
C ALA A 421 7.88 -40.09 11.42
N THR A 422 7.05 -40.62 10.54
CA THR A 422 6.13 -41.66 10.97
C THR A 422 7.04 -42.86 10.92
N GLU A 423 7.05 -43.61 12.00
CA GLU A 423 7.89 -44.76 12.17
C GLU A 423 8.49 -44.40 13.50
N ILE A 424 9.34 -43.37 13.52
CA ILE A 424 9.93 -42.94 14.79
C ILE A 424 9.02 -42.02 15.59
N GLY A 425 7.81 -41.78 15.06
CA GLY A 425 6.75 -40.98 15.69
C GLY A 425 6.96 -39.54 16.13
N GLY A 426 7.81 -38.81 15.41
CA GLY A 426 8.07 -37.43 15.74
C GLY A 426 9.19 -36.80 14.93
N ILE A 427 8.85 -35.79 14.14
CA ILE A 427 9.81 -35.05 13.32
C ILE A 427 11.00 -34.38 14.04
N LEU A 428 11.07 -34.47 15.37
CA LEU A 428 12.19 -33.87 16.14
C LEU A 428 12.95 -34.88 17.02
N VAL A 429 12.38 -36.09 17.11
CA VAL A 429 12.92 -37.18 17.91
C VAL A 429 14.40 -37.43 17.76
N ASN A 430 14.92 -37.21 16.55
CA ASN A 430 16.33 -37.44 16.22
C ASN A 430 17.13 -36.15 16.32
N THR A 431 16.66 -35.21 17.12
CA THR A 431 17.31 -33.92 17.20
C THR A 431 17.95 -33.71 18.55
N PRO A 432 19.08 -32.99 18.60
CA PRO A 432 19.68 -32.78 19.93
C PRO A 432 18.61 -32.09 20.79
N GLU A 433 18.40 -32.61 21.99
CA GLU A 433 17.40 -32.00 22.86
C GLU A 433 17.75 -30.51 23.08
N ASP A 434 19.04 -30.16 23.04
CA ASP A 434 19.46 -28.79 23.21
C ASP A 434 20.13 -28.33 21.92
N PRO A 435 19.32 -27.91 20.94
CA PRO A 435 20.11 -27.52 19.77
C PRO A 435 21.07 -26.37 20.05
N ASN A 436 22.26 -26.47 19.51
CA ASN A 436 23.20 -25.38 19.67
C ASN A 436 22.55 -24.43 18.64
N LEU A 437 22.84 -23.15 18.68
CA LEU A 437 22.20 -22.20 17.76
C LEU A 437 22.77 -22.12 16.34
N SER A 438 21.92 -22.31 15.35
CA SER A 438 22.36 -22.26 13.95
C SER A 438 23.22 -21.06 13.76
N LYS A 439 23.97 -21.03 12.67
CA LYS A 439 24.84 -19.89 12.41
C LYS A 439 24.07 -18.97 11.49
N ILE A 440 22.87 -19.38 11.18
CA ILE A 440 22.01 -18.68 10.22
C ILE A 440 20.96 -17.75 10.85
N THR A 441 20.87 -17.81 12.18
CA THR A 441 19.91 -17.00 12.93
C THR A 441 20.51 -16.63 14.28
N THR A 442 19.92 -15.63 14.96
CA THR A 442 20.40 -15.20 16.28
C THR A 442 19.33 -15.49 17.31
N GLU A 443 19.71 -15.48 18.58
CA GLU A 443 18.73 -15.72 19.64
C GLU A 443 17.61 -14.75 19.41
N GLU A 444 17.99 -13.52 19.12
CA GLU A 444 17.04 -12.45 18.87
C GLU A 444 16.05 -12.84 17.79
N GLU A 445 16.58 -13.29 16.65
CA GLU A 445 15.68 -13.69 15.58
C GLU A 445 14.82 -14.88 16.03
N ILE A 446 15.41 -15.83 16.72
CA ILE A 446 14.66 -16.98 17.17
C ILE A 446 13.48 -16.55 18.05
N GLU A 447 13.78 -15.65 18.99
CA GLU A 447 12.78 -15.11 19.94
C GLU A 447 11.57 -14.50 19.26
N PHE A 448 11.81 -13.77 18.17
CA PHE A 448 10.71 -13.18 17.43
C PHE A 448 9.75 -14.27 16.94
N TYR A 449 10.29 -15.37 16.41
CA TYR A 449 9.44 -16.45 15.94
C TYR A 449 8.71 -17.08 17.11
N ILE A 450 9.40 -17.25 18.24
CA ILE A 450 8.75 -17.83 19.42
C ILE A 450 7.50 -17.02 19.78
N GLN A 451 7.70 -15.71 19.92
CA GLN A 451 6.63 -14.80 20.29
C GLN A 451 5.51 -14.79 19.27
N GLN A 452 5.88 -14.87 18.00
CA GLN A 452 4.84 -14.86 16.97
C GLN A 452 3.97 -16.10 17.05
N PHE A 453 4.54 -17.23 17.46
CA PHE A 453 3.79 -18.47 17.51
C PHE A 453 3.11 -18.75 18.82
N LYS A 454 3.42 -17.92 19.83
CA LYS A 454 2.76 -18.07 21.10
C LYS A 454 1.35 -17.53 20.85
N LYS A 455 1.21 -16.63 19.85
CA LYS A 455 -0.11 -16.09 19.49
C LYS A 455 -0.92 -16.99 18.58
N THR A 456 -0.27 -17.79 17.75
CA THR A 456 -1.01 -18.65 16.85
C THR A 456 -1.01 -20.13 17.22
N GLY A 457 0.01 -20.55 17.94
CA GLY A 457 0.08 -21.96 18.21
C GLY A 457 0.47 -22.49 16.83
N PHE A 458 0.27 -23.77 16.57
CA PHE A 458 0.67 -24.32 15.28
C PHE A 458 -0.48 -24.91 14.48
N ARG A 459 -1.66 -25.05 15.07
CA ARG A 459 -2.75 -25.62 14.29
C ARG A 459 -2.90 -24.89 12.94
N GLY A 460 -3.19 -23.58 12.98
CA GLY A 460 -3.35 -22.78 11.77
C GLY A 460 -2.29 -23.08 10.71
N PRO A 461 -1.00 -22.89 11.02
CA PRO A 461 0.00 -23.20 9.99
C PRO A 461 -0.10 -24.65 9.40
N LEU A 462 -0.18 -25.65 10.27
CA LEU A 462 -0.24 -27.03 9.82
C LEU A 462 -1.49 -27.30 8.98
N ASN A 463 -2.60 -26.62 9.23
CA ASN A 463 -3.81 -26.90 8.45
C ASN A 463 -3.56 -26.72 6.93
N TRP A 464 -2.36 -26.23 6.59
CA TRP A 464 -1.99 -26.02 5.19
C TRP A 464 -1.74 -27.37 4.52
N TYR A 465 -1.11 -28.27 5.28
CA TYR A 465 -0.80 -29.61 4.83
C TYR A 465 -2.06 -30.49 4.74
N ARG A 466 -3.04 -30.15 5.55
CA ARG A 466 -4.27 -30.90 5.62
C ARG A 466 -5.40 -30.66 4.62
N ASN A 467 -5.12 -30.23 3.39
CA ASN A 467 -6.26 -30.02 2.47
C ASN A 467 -5.97 -30.67 1.12
N THR A 468 -5.14 -31.70 1.20
CA THR A 468 -4.70 -32.52 0.09
C THR A 468 -5.78 -32.87 -0.93
N GLU A 469 -6.87 -33.43 -0.43
CA GLU A 469 -7.95 -33.87 -1.30
C GLU A 469 -8.52 -32.77 -2.13
N ARG A 470 -9.26 -31.91 -1.46
CA ARG A 470 -9.89 -30.77 -2.12
C ARG A 470 -8.88 -29.94 -2.92
N ASN A 471 -7.68 -29.71 -2.38
CA ASN A 471 -6.67 -28.95 -3.14
C ASN A 471 -6.50 -29.66 -4.48
N TRP A 472 -6.28 -30.97 -4.43
CA TRP A 472 -6.14 -31.76 -5.63
C TRP A 472 -7.36 -31.53 -6.54
N LYS A 473 -8.55 -31.74 -6.00
CA LYS A 473 -9.80 -31.57 -6.76
C LYS A 473 -9.93 -30.17 -7.38
N TRP A 474 -9.43 -29.17 -6.68
CA TRP A 474 -9.51 -27.79 -7.15
C TRP A 474 -8.54 -27.53 -8.30
N SER A 475 -7.25 -27.75 -8.08
CA SER A 475 -6.21 -27.53 -9.11
C SER A 475 -6.46 -28.26 -10.43
N CYS A 476 -7.15 -29.39 -10.35
CA CYS A 476 -7.44 -30.15 -11.54
C CYS A 476 -8.24 -29.29 -12.50
N LYS A 477 -8.93 -28.28 -11.99
CA LYS A 477 -9.76 -27.39 -12.81
C LYS A 477 -8.98 -26.66 -13.90
N GLY A 478 -7.69 -26.44 -13.66
CA GLY A 478 -6.89 -25.74 -14.65
C GLY A 478 -5.75 -26.56 -15.21
N LEU A 479 -6.06 -27.80 -15.55
CA LEU A 479 -5.02 -28.66 -16.09
C LEU A 479 -4.86 -28.41 -17.57
N GLY A 480 -5.85 -27.76 -18.18
CA GLY A 480 -5.78 -27.46 -19.60
C GLY A 480 -5.16 -26.12 -19.92
N ARG A 481 -4.71 -25.41 -18.88
CA ARG A 481 -4.13 -24.09 -19.07
C ARG A 481 -2.64 -24.06 -18.98
N LYS A 482 -2.08 -22.91 -19.27
CA LYS A 482 -0.65 -22.71 -19.18
C LYS A 482 -0.47 -21.38 -18.45
N ILE A 483 0.71 -21.20 -17.88
CA ILE A 483 0.99 -19.99 -17.18
C ILE A 483 1.74 -19.11 -18.15
N LEU A 484 1.03 -18.10 -18.64
CA LEU A 484 1.59 -17.20 -19.63
C LEU A 484 2.09 -15.85 -19.12
N VAL A 485 1.87 -15.55 -17.85
CA VAL A 485 2.36 -14.30 -17.27
C VAL A 485 3.86 -14.50 -16.96
N PRO A 486 4.62 -13.42 -16.69
CA PRO A 486 6.05 -13.62 -16.40
C PRO A 486 6.34 -14.47 -15.16
N ALA A 487 7.26 -15.43 -15.28
CA ALA A 487 7.59 -16.36 -14.19
C ALA A 487 9.06 -16.59 -14.01
N LEU A 488 9.44 -16.90 -12.77
CA LEU A 488 10.83 -17.14 -12.37
C LEU A 488 10.86 -18.33 -11.40
N MET A 489 11.89 -19.15 -11.54
CA MET A 489 12.04 -20.30 -10.68
C MET A 489 13.46 -20.29 -10.19
N VAL A 490 13.58 -20.22 -8.89
CA VAL A 490 14.89 -20.19 -8.29
C VAL A 490 14.96 -21.46 -7.50
N THR A 491 16.01 -22.24 -7.76
CA THR A 491 16.18 -23.51 -7.10
C THR A 491 17.36 -23.48 -6.11
N ALA A 492 17.18 -24.16 -4.98
CA ALA A 492 18.23 -24.23 -3.95
C ALA A 492 18.87 -25.60 -4.11
N GLU A 493 20.18 -25.62 -4.31
CA GLU A 493 20.89 -26.87 -4.54
C GLU A 493 20.71 -27.99 -3.51
N LYS A 494 21.24 -27.77 -2.30
CA LYS A 494 21.18 -28.75 -1.22
C LYS A 494 19.87 -28.77 -0.41
N ASP A 495 18.75 -28.52 -1.06
CA ASP A 495 17.47 -28.51 -0.37
C ASP A 495 16.96 -29.92 -0.38
N ILE A 496 17.05 -30.54 0.79
CA ILE A 496 16.61 -31.91 0.99
C ILE A 496 15.24 -32.15 0.35
N VAL A 497 14.15 -31.63 0.92
CA VAL A 497 12.84 -31.83 0.29
C VAL A 497 12.75 -30.67 -0.65
N LEU A 498 11.98 -30.78 -1.73
CA LEU A 498 11.92 -29.66 -2.70
C LEU A 498 13.29 -29.54 -3.37
N ARG A 499 13.76 -30.63 -3.95
CA ARG A 499 15.04 -30.67 -4.62
C ARG A 499 14.90 -30.04 -6.01
N PRO A 500 15.96 -29.38 -6.51
CA PRO A 500 15.93 -28.77 -7.84
C PRO A 500 15.27 -29.69 -8.88
N GLU A 501 15.84 -30.89 -9.00
CA GLU A 501 15.36 -31.91 -9.94
C GLU A 501 13.81 -31.99 -10.05
N MET A 502 13.06 -31.53 -9.03
CA MET A 502 11.60 -31.61 -9.09
C MET A 502 10.99 -30.58 -10.03
N SER A 503 11.83 -29.70 -10.58
CA SER A 503 11.32 -28.66 -11.49
C SER A 503 11.51 -28.92 -12.99
N LYS A 504 12.45 -29.79 -13.35
CA LYS A 504 12.80 -30.13 -14.73
C LYS A 504 11.65 -30.12 -15.75
N ASN A 505 10.48 -30.62 -15.37
CA ASN A 505 9.35 -30.66 -16.28
C ASN A 505 8.55 -29.36 -16.41
N MET A 506 8.62 -28.50 -15.40
CA MET A 506 7.92 -27.20 -15.30
C MET A 506 7.55 -26.42 -16.56
N GLU A 507 8.48 -26.30 -17.49
CA GLU A 507 8.20 -25.56 -18.71
C GLU A 507 7.12 -26.17 -19.61
N LYS A 508 6.61 -27.35 -19.30
CA LYS A 508 5.55 -27.91 -20.14
C LYS A 508 4.31 -27.08 -19.91
N TRP A 509 4.29 -26.42 -18.76
CA TRP A 509 3.17 -25.61 -18.32
C TRP A 509 3.50 -24.14 -18.42
N ILE A 510 4.77 -23.87 -18.17
CA ILE A 510 5.25 -22.51 -18.16
C ILE A 510 6.37 -22.27 -19.16
N PRO A 511 6.03 -22.11 -20.45
CA PRO A 511 7.12 -21.87 -21.39
C PRO A 511 7.59 -20.47 -21.05
N PHE A 512 8.77 -20.08 -21.49
CA PHE A 512 9.29 -18.74 -21.19
C PHE A 512 9.70 -18.59 -19.73
N LEU A 513 9.43 -19.61 -18.92
CA LEU A 513 9.81 -19.60 -17.52
C LEU A 513 11.29 -19.28 -17.44
N LYS A 514 11.64 -18.21 -16.72
CA LYS A 514 13.03 -17.81 -16.54
C LYS A 514 13.53 -18.63 -15.37
N ARG A 515 14.83 -18.61 -15.11
CA ARG A 515 15.34 -19.46 -14.05
C ARG A 515 16.55 -18.95 -13.35
N GLY A 516 16.68 -19.35 -12.09
CA GLY A 516 17.84 -18.98 -11.32
C GLY A 516 18.18 -20.18 -10.44
N HIS A 517 19.39 -20.19 -9.90
CA HIS A 517 19.79 -21.30 -9.07
C HIS A 517 20.90 -20.94 -8.07
N ILE A 518 20.74 -21.34 -6.82
CA ILE A 518 21.74 -21.05 -5.81
C ILE A 518 22.41 -22.32 -5.27
N GLU A 519 23.74 -22.32 -5.24
CA GLU A 519 24.52 -23.47 -4.75
C GLU A 519 24.63 -23.49 -3.22
N ASP A 520 25.24 -24.53 -2.70
CA ASP A 520 25.42 -24.68 -1.26
C ASP A 520 24.29 -24.08 -0.42
N CYS A 521 23.06 -24.19 -0.93
CA CYS A 521 21.93 -23.62 -0.23
C CYS A 521 20.83 -24.61 0.11
N GLY A 522 20.34 -24.51 1.34
CA GLY A 522 19.29 -25.38 1.82
C GLY A 522 17.89 -24.85 1.57
N HIS A 523 16.96 -25.18 2.44
CA HIS A 523 15.59 -24.75 2.30
C HIS A 523 15.32 -23.30 2.61
N TRP A 524 16.06 -22.76 3.59
CA TRP A 524 15.90 -21.37 4.03
C TRP A 524 16.77 -20.50 3.17
N THR A 525 16.34 -20.33 1.93
CA THR A 525 17.09 -19.58 0.93
C THR A 525 17.30 -18.14 1.32
N GLN A 526 16.21 -17.46 1.65
CA GLN A 526 16.23 -16.05 2.03
C GLN A 526 17.20 -15.79 3.17
N ILE A 527 17.11 -16.62 4.21
CA ILE A 527 17.96 -16.47 5.38
C ILE A 527 19.36 -17.01 5.19
N GLU A 528 19.53 -17.98 4.29
CA GLU A 528 20.86 -18.57 4.10
C GLU A 528 21.73 -17.93 3.04
N LYS A 529 21.13 -17.52 1.94
CA LYS A 529 21.86 -16.88 0.85
C LYS A 529 21.03 -15.65 0.47
N PRO A 530 20.93 -14.69 1.39
CA PRO A 530 20.14 -13.46 1.16
C PRO A 530 20.65 -12.58 0.04
N THR A 531 21.91 -12.21 0.14
CA THR A 531 22.50 -11.35 -0.86
C THR A 531 22.35 -11.95 -2.25
N GLU A 532 22.62 -13.23 -2.36
CA GLU A 532 22.50 -13.88 -3.66
C GLU A 532 21.02 -13.90 -4.08
N VAL A 533 20.10 -14.14 -3.16
CA VAL A 533 18.69 -14.14 -3.50
C VAL A 533 18.26 -12.75 -3.97
N ASN A 534 18.79 -11.74 -3.27
CA ASN A 534 18.48 -10.35 -3.57
C ASN A 534 18.95 -10.01 -4.96
N GLN A 535 20.21 -10.31 -5.24
CA GLN A 535 20.79 -10.04 -6.56
C GLN A 535 19.86 -10.61 -7.64
N ILE A 536 19.58 -11.89 -7.55
CA ILE A 536 18.75 -12.56 -8.52
C ILE A 536 17.40 -11.91 -8.67
N LEU A 537 16.73 -11.71 -7.55
CA LEU A 537 15.40 -11.17 -7.56
C LEU A 537 15.30 -9.78 -8.19
N ILE A 538 16.27 -8.93 -7.89
CA ILE A 538 16.25 -7.61 -8.47
C ILE A 538 16.43 -7.65 -10.00
N LYS A 539 17.48 -8.33 -10.47
CA LYS A 539 17.73 -8.45 -11.92
C LYS A 539 16.48 -8.90 -12.64
N TRP A 540 15.79 -9.87 -12.06
CA TRP A 540 14.56 -10.34 -12.68
C TRP A 540 13.51 -9.27 -12.72
N LEU A 541 13.31 -8.55 -11.60
CA LEU A 541 12.31 -7.49 -11.57
C LEU A 541 12.63 -6.36 -12.55
N GLN A 542 13.92 -6.01 -12.61
CA GLN A 542 14.35 -4.96 -13.54
C GLN A 542 14.17 -5.48 -14.94
N THR A 543 14.85 -6.56 -15.29
CA THR A 543 14.72 -7.14 -16.63
C THR A 543 13.25 -7.26 -17.10
N GLU A 544 12.39 -8.00 -16.38
CA GLU A 544 10.98 -8.13 -16.81
C GLU A 544 9.95 -7.54 -15.81
N ARG B 4 -34.92 -8.90 -1.86
CA ARG B 4 -34.72 -8.74 -3.33
C ARG B 4 -33.25 -8.60 -3.70
N VAL B 5 -32.98 -8.88 -4.98
CA VAL B 5 -31.63 -8.83 -5.51
C VAL B 5 -31.60 -8.40 -6.97
N ALA B 6 -30.52 -7.71 -7.32
CA ALA B 6 -30.34 -7.24 -8.67
C ALA B 6 -28.96 -7.67 -9.13
N ALA B 7 -28.92 -8.30 -10.30
CA ALA B 7 -27.68 -8.80 -10.90
C ALA B 7 -27.41 -8.20 -12.30
N PHE B 8 -26.14 -7.88 -12.57
CA PHE B 8 -25.72 -7.27 -13.85
C PHE B 8 -24.67 -8.00 -14.71
N ASP B 9 -24.91 -8.17 -16.01
CA ASP B 9 -23.88 -8.82 -16.85
C ASP B 9 -22.87 -7.68 -16.86
N LEU B 10 -21.63 -7.99 -17.19
CA LEU B 10 -20.61 -6.96 -17.22
C LEU B 10 -20.42 -6.39 -18.65
N ASP B 11 -20.03 -7.25 -19.59
CA ASP B 11 -19.85 -6.75 -20.93
C ASP B 11 -21.22 -6.35 -21.46
N GLY B 12 -21.49 -5.05 -21.41
CA GLY B 12 -22.76 -4.58 -21.94
C GLY B 12 -23.63 -3.77 -21.01
N VAL B 13 -23.54 -3.98 -19.70
CA VAL B 13 -24.38 -3.18 -18.85
C VAL B 13 -23.59 -2.49 -17.79
N LEU B 14 -22.54 -3.13 -17.30
CA LEU B 14 -21.71 -2.47 -16.31
C LEU B 14 -20.48 -1.94 -17.04
N ALA B 15 -20.13 -2.55 -18.15
CA ALA B 15 -18.96 -2.13 -18.88
C ALA B 15 -19.28 -1.99 -20.33
N LEU B 16 -18.84 -0.85 -20.90
CA LEU B 16 -19.04 -0.50 -22.32
C LEU B 16 -17.82 0.20 -22.92
N PRO B 17 -17.74 0.19 -24.26
CA PRO B 17 -18.67 -0.42 -25.20
C PRO B 17 -18.54 -1.92 -25.18
N SER B 18 -19.68 -2.59 -25.33
CA SER B 18 -19.69 -4.05 -25.35
C SER B 18 -18.52 -4.44 -26.22
N ILE B 19 -17.77 -5.43 -25.77
CA ILE B 19 -16.65 -5.90 -26.55
C ILE B 19 -17.28 -6.48 -27.80
N ALA B 20 -18.49 -7.03 -27.65
CA ALA B 20 -19.23 -7.59 -28.78
C ALA B 20 -19.33 -6.55 -29.90
N GLY B 21 -19.27 -5.27 -29.52
CA GLY B 21 -19.31 -4.18 -30.48
C GLY B 21 -18.17 -4.28 -31.47
N ALA B 22 -16.95 -4.41 -30.97
CA ALA B 22 -15.75 -4.51 -31.80
C ALA B 22 -15.76 -5.78 -32.65
N PHE B 23 -16.67 -6.67 -32.33
CA PHE B 23 -16.75 -7.87 -33.10
C PHE B 23 -17.48 -7.51 -34.39
N ARG B 24 -18.63 -6.85 -34.25
CA ARG B 24 -19.42 -6.44 -35.40
C ARG B 24 -18.63 -5.45 -36.26
N ARG B 25 -17.96 -4.51 -35.60
CA ARG B 25 -17.15 -3.49 -36.26
C ARG B 25 -16.17 -4.10 -37.23
N SER B 26 -15.31 -5.01 -36.78
CA SER B 26 -14.36 -5.62 -37.70
C SER B 26 -15.03 -6.66 -38.61
N GLU B 27 -16.22 -7.12 -38.21
CA GLU B 27 -16.94 -8.08 -39.04
C GLU B 27 -17.11 -7.30 -40.33
N GLU B 28 -17.67 -6.08 -40.21
CA GLU B 28 -17.86 -5.21 -41.37
C GLU B 28 -16.46 -4.85 -41.92
N ALA B 29 -15.56 -4.49 -41.04
CA ALA B 29 -14.20 -4.13 -41.42
C ALA B 29 -13.48 -5.17 -42.30
N LEU B 30 -14.11 -6.31 -42.61
CA LEU B 30 -13.46 -7.37 -43.43
C LEU B 30 -14.28 -8.09 -44.53
N ALA B 31 -15.57 -7.75 -44.62
CA ALA B 31 -16.49 -8.32 -45.63
C ALA B 31 -17.07 -9.72 -45.35
N LEU B 32 -16.96 -10.17 -44.11
CA LEU B 32 -17.47 -11.49 -43.74
C LEU B 32 -18.93 -11.43 -43.31
N PRO B 33 -19.67 -12.55 -43.45
CA PRO B 33 -21.09 -12.78 -43.13
C PRO B 33 -21.59 -12.54 -41.70
N ARG B 34 -22.58 -11.65 -41.56
CA ARG B 34 -23.16 -11.30 -40.26
C ARG B 34 -23.09 -12.45 -39.27
N ASP B 35 -22.48 -12.18 -38.11
CA ASP B 35 -22.33 -13.13 -37.00
C ASP B 35 -21.24 -14.21 -37.22
N PHE B 36 -20.38 -14.01 -38.21
CA PHE B 36 -19.29 -14.94 -38.48
C PHE B 36 -18.31 -15.07 -37.30
N LEU B 37 -17.78 -13.94 -36.85
CA LEU B 37 -16.85 -13.91 -35.71
C LEU B 37 -17.56 -13.82 -34.34
N LEU B 38 -18.76 -13.21 -34.31
CA LEU B 38 -19.52 -13.08 -33.08
C LEU B 38 -20.20 -14.38 -32.63
N GLY B 39 -20.41 -15.30 -33.57
CA GLY B 39 -21.02 -16.58 -33.19
C GLY B 39 -20.22 -17.23 -32.07
N ALA B 40 -18.90 -17.09 -32.10
CA ALA B 40 -18.01 -17.66 -31.07
C ALA B 40 -18.37 -17.13 -29.67
N TYR B 41 -18.48 -15.81 -29.57
CA TYR B 41 -18.81 -15.10 -28.33
C TYR B 41 -20.33 -15.12 -27.98
N GLN B 42 -21.17 -14.65 -28.93
CA GLN B 42 -22.63 -14.59 -28.76
C GLN B 42 -23.32 -15.72 -29.53
N THR B 43 -23.68 -16.79 -28.84
CA THR B 43 -24.32 -17.90 -29.51
C THR B 43 -25.57 -18.44 -28.85
N GLU B 44 -25.32 -19.42 -27.98
CA GLU B 44 -26.31 -20.18 -27.21
C GLU B 44 -25.56 -21.50 -27.10
N PHE B 45 -25.33 -22.12 -28.26
CA PHE B 45 -24.58 -23.38 -28.38
C PHE B 45 -23.11 -22.95 -28.64
N PRO B 46 -22.36 -22.76 -27.56
CA PRO B 46 -20.96 -22.37 -27.70
C PRO B 46 -20.10 -23.62 -27.70
N GLU B 47 -19.24 -23.76 -28.70
CA GLU B 47 -18.40 -24.94 -28.77
C GLU B 47 -16.97 -24.49 -29.02
N GLY B 48 -16.12 -25.49 -29.20
CA GLY B 48 -14.73 -25.27 -29.50
C GLY B 48 -13.90 -24.73 -28.37
N PRO B 49 -13.10 -23.68 -28.65
CA PRO B 49 -12.21 -22.98 -27.73
C PRO B 49 -12.88 -21.87 -26.90
N THR B 50 -13.87 -21.19 -27.47
CA THR B 50 -14.54 -20.12 -26.75
C THR B 50 -15.30 -20.66 -25.56
N GLU B 51 -15.76 -21.90 -25.67
CA GLU B 51 -16.48 -22.54 -24.57
C GLU B 51 -15.47 -23.01 -23.55
N GLN B 52 -14.33 -23.43 -24.05
CA GLN B 52 -13.27 -23.87 -23.20
C GLN B 52 -12.79 -22.66 -22.37
N LEU B 53 -12.81 -21.49 -23.01
CA LEU B 53 -12.38 -20.18 -22.44
C LEU B 53 -13.21 -19.69 -21.30
N MET B 54 -14.46 -19.43 -21.66
CA MET B 54 -15.49 -18.91 -20.77
C MET B 54 -15.92 -19.87 -19.70
N LYS B 55 -15.33 -21.05 -19.71
CA LYS B 55 -15.60 -22.08 -18.70
C LYS B 55 -14.28 -22.18 -17.95
N GLY B 56 -13.33 -21.40 -18.44
CA GLY B 56 -11.99 -21.35 -17.85
C GLY B 56 -11.22 -22.65 -17.85
N LYS B 57 -11.17 -23.33 -18.99
CA LYS B 57 -10.43 -24.58 -19.12
C LYS B 57 -9.03 -24.23 -19.69
N ILE B 58 -8.98 -23.14 -20.48
CA ILE B 58 -7.77 -22.53 -21.11
C ILE B 58 -7.71 -20.99 -20.88
N THR B 59 -6.51 -20.43 -20.80
CA THR B 59 -6.44 -19.00 -20.63
C THR B 59 -6.74 -18.29 -21.96
N PHE B 60 -6.51 -17.00 -21.96
CA PHE B 60 -6.75 -16.22 -23.14
C PHE B 60 -5.78 -16.64 -24.21
N SER B 61 -4.50 -16.39 -23.96
CA SER B 61 -3.40 -16.71 -24.87
C SER B 61 -3.54 -18.02 -25.63
N GLN B 62 -3.98 -19.05 -24.89
CA GLN B 62 -4.14 -20.35 -25.52
C GLN B 62 -5.24 -20.23 -26.55
N TRP B 63 -6.38 -19.77 -26.10
CA TRP B 63 -7.51 -19.56 -27.00
C TRP B 63 -7.16 -18.80 -28.31
N VAL B 64 -6.20 -17.86 -28.27
CA VAL B 64 -5.89 -17.14 -29.49
C VAL B 64 -5.58 -18.05 -30.68
N PRO B 65 -4.50 -18.83 -30.61
CA PRO B 65 -4.11 -19.72 -31.70
C PRO B 65 -5.21 -20.71 -32.08
N LEU B 66 -5.69 -21.43 -31.08
CA LEU B 66 -6.74 -22.41 -31.28
C LEU B 66 -7.96 -21.85 -31.98
N MET B 67 -8.36 -20.61 -31.69
CA MET B 67 -9.57 -20.05 -32.28
C MET B 67 -9.29 -19.56 -33.70
N ASP B 68 -8.13 -18.95 -33.84
CA ASP B 68 -7.72 -18.49 -35.14
C ASP B 68 -7.92 -19.69 -36.11
N GLU B 69 -7.49 -20.88 -35.68
CA GLU B 69 -7.65 -22.09 -36.47
C GLU B 69 -9.09 -22.55 -36.61
N SER B 70 -9.92 -22.36 -35.58
CA SER B 70 -11.31 -22.76 -35.71
C SER B 70 -11.90 -21.75 -36.67
N TYR B 71 -11.25 -20.62 -36.81
CA TYR B 71 -11.74 -19.66 -37.75
C TYR B 71 -11.26 -20.08 -39.13
N ARG B 72 -9.96 -20.37 -39.28
CA ARG B 72 -9.42 -20.83 -40.57
C ARG B 72 -10.31 -21.96 -41.17
N LYS B 73 -10.84 -22.84 -40.33
CA LYS B 73 -11.74 -23.89 -40.82
C LYS B 73 -12.92 -23.11 -41.37
N SER B 74 -13.90 -22.88 -40.52
CA SER B 74 -15.11 -22.12 -40.83
C SER B 74 -14.88 -21.14 -41.97
N SER B 75 -13.83 -20.33 -41.81
CA SER B 75 -13.38 -19.28 -42.73
C SER B 75 -13.55 -19.55 -44.19
N LYS B 76 -12.65 -18.90 -44.95
CA LYS B 76 -12.58 -19.01 -46.41
C LYS B 76 -13.12 -20.38 -46.80
N ALA B 77 -12.93 -21.35 -45.90
CA ALA B 77 -13.37 -22.73 -46.06
C ALA B 77 -14.84 -23.01 -45.64
N CYS B 78 -15.78 -22.23 -46.20
CA CYS B 78 -17.24 -22.35 -45.94
C CYS B 78 -18.02 -21.05 -46.11
N GLY B 79 -17.43 -20.09 -46.83
CA GLY B 79 -18.10 -18.83 -47.05
C GLY B 79 -17.13 -17.77 -47.54
N ALA B 80 -17.04 -16.68 -46.78
CA ALA B 80 -16.20 -15.53 -47.11
C ALA B 80 -14.72 -15.71 -46.82
N ASN B 81 -13.90 -15.07 -47.65
CA ASN B 81 -12.48 -15.17 -47.53
C ASN B 81 -12.00 -14.54 -46.24
N LEU B 82 -11.44 -15.37 -45.35
CA LEU B 82 -10.88 -14.88 -44.10
C LEU B 82 -9.39 -14.78 -44.45
N PRO B 83 -8.87 -13.55 -44.51
CA PRO B 83 -7.46 -13.34 -44.84
C PRO B 83 -6.59 -14.50 -44.40
N GLU B 84 -5.56 -14.81 -45.19
CA GLU B 84 -4.64 -15.89 -44.89
C GLU B 84 -3.89 -15.65 -43.56
N ASN B 85 -3.22 -14.50 -43.46
CA ASN B 85 -2.50 -14.07 -42.26
C ASN B 85 -3.54 -13.16 -41.53
N PHE B 86 -4.31 -13.77 -40.63
CA PHE B 86 -5.33 -13.05 -39.84
C PHE B 86 -5.47 -13.60 -38.42
N SER B 87 -5.64 -12.69 -37.45
CA SER B 87 -5.75 -13.04 -36.03
C SER B 87 -6.71 -12.19 -35.16
N ILE B 88 -7.50 -12.87 -34.36
CA ILE B 88 -8.44 -12.21 -33.48
C ILE B 88 -7.82 -11.63 -32.19
N SER B 89 -6.54 -11.89 -31.97
CA SER B 89 -5.81 -11.46 -30.78
C SER B 89 -5.76 -9.97 -30.45
N GLN B 90 -5.16 -9.16 -31.32
CA GLN B 90 -5.07 -7.73 -31.01
C GLN B 90 -6.42 -7.01 -31.12
N ILE B 91 -7.34 -7.56 -31.91
CA ILE B 91 -8.61 -6.89 -32.00
C ILE B 91 -9.41 -7.15 -30.73
N PHE B 92 -9.47 -8.40 -30.29
CA PHE B 92 -10.19 -8.76 -29.07
C PHE B 92 -9.57 -8.17 -27.81
N SER B 93 -8.25 -8.26 -27.65
CA SER B 93 -7.63 -7.69 -26.47
C SER B 93 -7.65 -6.15 -26.42
N GLN B 94 -8.11 -5.50 -27.49
CA GLN B 94 -8.18 -4.02 -27.55
C GLN B 94 -9.55 -3.45 -27.20
N ALA B 95 -10.60 -4.08 -27.70
CA ALA B 95 -11.95 -3.65 -27.36
C ALA B 95 -12.17 -4.01 -25.91
N MET B 96 -11.21 -4.73 -25.35
CA MET B 96 -11.28 -5.14 -23.97
C MET B 96 -10.66 -4.06 -23.16
N ALA B 97 -9.46 -3.65 -23.59
CA ALA B 97 -8.74 -2.60 -22.89
C ALA B 97 -9.33 -1.23 -23.21
N ALA B 98 -10.05 -1.16 -24.31
CA ALA B 98 -10.66 0.07 -24.75
C ALA B 98 -12.09 0.22 -24.25
N ARG B 99 -12.41 -0.46 -23.15
CA ARG B 99 -13.74 -0.36 -22.59
C ARG B 99 -13.63 0.07 -21.11
N SER B 100 -14.66 0.76 -20.61
CA SER B 100 -14.66 1.22 -19.22
C SER B 100 -16.03 1.19 -18.53
N ILE B 101 -16.05 1.57 -17.24
CA ILE B 101 -17.31 1.57 -16.49
C ILE B 101 -18.43 2.45 -17.01
N ASN B 102 -19.64 1.92 -16.83
CA ASN B 102 -20.92 2.51 -17.19
C ASN B 102 -21.46 3.08 -15.88
N ARG B 103 -20.97 4.28 -15.52
CA ARG B 103 -21.34 4.96 -14.26
C ARG B 103 -22.83 5.05 -13.93
N PRO B 104 -23.64 5.66 -14.79
CA PRO B 104 -25.07 5.72 -14.46
C PRO B 104 -25.64 4.35 -14.05
N MET B 105 -24.97 3.30 -14.53
CA MET B 105 -25.36 1.90 -14.26
C MET B 105 -24.72 1.45 -12.96
N LEU B 106 -23.45 1.76 -12.78
CA LEU B 106 -22.81 1.41 -11.53
C LEU B 106 -23.55 2.24 -10.50
N GLN B 107 -23.85 3.49 -10.88
CA GLN B 107 -24.59 4.44 -10.03
C GLN B 107 -25.90 3.80 -9.56
N ALA B 108 -26.67 3.29 -10.51
CA ALA B 108 -27.93 2.63 -10.22
C ALA B 108 -27.77 1.43 -9.25
N ALA B 109 -26.61 0.78 -9.29
CA ALA B 109 -26.39 -0.39 -8.44
C ALA B 109 -26.01 0.00 -7.02
N ILE B 110 -25.13 0.99 -6.91
CA ILE B 110 -24.71 1.45 -5.60
C ILE B 110 -25.99 1.81 -4.83
N ALA B 111 -26.93 2.41 -5.56
CA ALA B 111 -28.22 2.83 -5.04
C ALA B 111 -28.92 1.69 -4.33
N LEU B 112 -29.44 0.76 -5.14
CA LEU B 112 -30.16 -0.41 -4.66
C LEU B 112 -29.47 -1.13 -3.56
N LYS B 113 -28.15 -0.95 -3.49
CA LYS B 113 -27.35 -1.54 -2.43
C LYS B 113 -27.49 -0.60 -1.22
N LYS B 114 -27.23 0.70 -1.43
CA LYS B 114 -27.35 1.67 -0.34
C LYS B 114 -28.74 1.46 0.21
N LYS B 115 -29.68 1.24 -0.69
CA LYS B 115 -31.08 1.01 -0.35
C LYS B 115 -31.25 -0.33 0.37
N GLY B 116 -30.29 -1.23 0.15
CA GLY B 116 -30.33 -2.54 0.75
C GLY B 116 -30.88 -3.59 -0.20
N PHE B 117 -30.07 -4.07 -1.13
CA PHE B 117 -30.48 -5.09 -2.10
C PHE B 117 -29.24 -5.98 -2.26
N THR B 118 -29.43 -7.25 -2.64
CA THR B 118 -28.26 -8.08 -2.86
C THR B 118 -27.98 -7.82 -4.32
N THR B 119 -26.78 -7.33 -4.61
CA THR B 119 -26.36 -7.01 -5.97
C THR B 119 -25.29 -8.00 -6.39
N CYS B 120 -25.01 -7.99 -7.67
CA CYS B 120 -23.98 -8.88 -8.17
C CYS B 120 -23.79 -8.77 -9.66
N ILE B 121 -22.88 -9.61 -10.14
CA ILE B 121 -22.57 -9.69 -11.55
C ILE B 121 -22.51 -11.16 -11.96
N VAL B 122 -23.16 -11.49 -13.05
CA VAL B 122 -23.14 -12.85 -13.57
C VAL B 122 -22.62 -12.69 -14.99
N THR B 123 -21.33 -12.94 -15.20
CA THR B 123 -20.81 -12.76 -16.56
C THR B 123 -19.96 -13.93 -17.07
N ASN B 124 -20.01 -14.14 -18.39
CA ASN B 124 -19.22 -15.18 -19.04
C ASN B 124 -17.84 -14.56 -19.19
N ASN B 125 -17.00 -14.85 -18.21
CA ASN B 125 -15.65 -14.36 -18.12
C ASN B 125 -14.64 -15.25 -18.85
N TRP B 126 -13.38 -14.97 -18.57
CA TRP B 126 -12.26 -15.70 -19.13
C TRP B 126 -11.04 -15.25 -18.38
N LEU B 127 -10.02 -16.08 -18.33
CA LEU B 127 -8.80 -15.73 -17.61
C LEU B 127 -7.83 -14.94 -18.49
N ASP B 128 -7.51 -13.71 -18.11
CA ASP B 128 -6.64 -12.93 -18.95
C ASP B 128 -5.20 -12.88 -18.65
N ASP B 129 -4.43 -13.70 -19.35
CA ASP B 129 -2.98 -13.68 -19.19
C ASP B 129 -2.43 -12.73 -20.28
N GLY B 130 -3.30 -11.85 -20.80
CA GLY B 130 -2.99 -10.88 -21.85
C GLY B 130 -1.92 -9.83 -21.56
N ASP B 131 -1.37 -9.18 -22.60
CA ASP B 131 -0.31 -8.18 -22.39
C ASP B 131 -0.82 -6.92 -21.65
N LYS B 132 -2.12 -6.69 -21.74
CA LYS B 132 -2.75 -5.55 -21.09
C LYS B 132 -3.90 -6.05 -20.22
N ARG B 133 -3.64 -7.02 -19.37
CA ARG B 133 -4.73 -7.54 -18.56
C ARG B 133 -4.99 -6.61 -17.41
N ASP B 134 -4.09 -5.65 -17.23
CA ASP B 134 -4.22 -4.65 -16.17
C ASP B 134 -5.55 -3.88 -16.21
N SER B 135 -5.99 -3.52 -17.40
CA SER B 135 -7.22 -2.80 -17.56
C SER B 135 -8.37 -3.51 -16.88
N LEU B 136 -8.32 -4.82 -16.98
CA LEU B 136 -9.35 -5.67 -16.43
C LEU B 136 -9.25 -5.75 -14.91
N ALA B 137 -8.03 -5.87 -14.39
CA ALA B 137 -7.84 -5.95 -12.94
C ALA B 137 -8.38 -4.68 -12.24
N GLN B 138 -8.04 -3.50 -12.79
CA GLN B 138 -8.55 -2.23 -12.24
C GLN B 138 -10.08 -2.26 -12.23
N MET B 139 -10.68 -2.57 -13.38
CA MET B 139 -12.14 -2.57 -13.52
C MET B 139 -12.74 -3.49 -12.51
N MET B 140 -12.04 -4.60 -12.30
CA MET B 140 -12.49 -5.60 -11.37
C MET B 140 -12.20 -5.11 -9.95
N CYS B 141 -11.03 -4.55 -9.75
CA CYS B 141 -10.69 -4.02 -8.44
C CYS B 141 -11.82 -3.10 -7.95
N GLU B 142 -12.01 -2.01 -8.69
CA GLU B 142 -12.98 -0.98 -8.42
C GLU B 142 -14.45 -1.35 -8.36
N LEU B 143 -14.89 -2.37 -9.10
CA LEU B 143 -16.30 -2.79 -9.09
C LEU B 143 -16.56 -3.65 -7.90
N SER B 144 -15.44 -4.12 -7.38
CA SER B 144 -15.38 -5.04 -6.26
C SER B 144 -16.17 -4.65 -5.08
N GLN B 145 -15.98 -3.40 -4.69
CA GLN B 145 -16.62 -2.83 -3.52
C GLN B 145 -18.15 -2.81 -3.50
N HIS B 146 -18.75 -2.56 -4.66
CA HIS B 146 -20.19 -2.44 -4.76
C HIS B 146 -21.10 -3.65 -4.95
N PHE B 147 -20.53 -4.83 -5.14
CA PHE B 147 -21.39 -5.99 -5.30
C PHE B 147 -21.05 -7.01 -4.28
N ASP B 148 -22.09 -7.64 -3.75
CA ASP B 148 -21.93 -8.64 -2.72
C ASP B 148 -21.38 -9.93 -3.30
N PHE B 149 -21.87 -10.29 -4.49
CA PHE B 149 -21.46 -11.50 -5.20
C PHE B 149 -21.00 -11.31 -6.66
N LEU B 150 -20.11 -12.20 -7.10
CA LEU B 150 -19.59 -12.14 -8.46
C LEU B 150 -19.40 -13.56 -9.03
N ILE B 151 -20.37 -13.97 -9.81
CA ILE B 151 -20.38 -15.27 -10.43
C ILE B 151 -19.75 -15.15 -11.79
N GLU B 152 -18.49 -15.53 -11.88
CA GLU B 152 -17.87 -15.46 -13.18
C GLU B 152 -17.78 -16.85 -13.79
N SER B 153 -18.42 -16.98 -14.96
CA SER B 153 -18.48 -18.21 -15.78
C SER B 153 -17.16 -18.94 -15.76
N CYS B 154 -16.11 -18.21 -16.08
CA CYS B 154 -14.80 -18.78 -16.10
C CYS B 154 -14.25 -19.23 -14.73
N GLN B 155 -15.06 -19.19 -13.67
CA GLN B 155 -14.57 -19.63 -12.34
C GLN B 155 -15.37 -20.77 -11.80
N VAL B 156 -16.67 -20.72 -12.08
CA VAL B 156 -17.57 -21.77 -11.60
C VAL B 156 -17.86 -22.85 -12.64
N GLY B 157 -17.36 -22.63 -13.86
CA GLY B 157 -17.53 -23.59 -14.95
C GLY B 157 -18.86 -23.65 -15.69
N MET B 158 -19.67 -22.59 -15.63
CA MET B 158 -20.95 -22.57 -16.34
C MET B 158 -20.94 -21.36 -17.24
N ILE B 159 -21.91 -21.26 -18.13
CA ILE B 159 -21.95 -20.14 -19.04
C ILE B 159 -23.39 -19.91 -19.41
N LYS B 160 -23.71 -18.69 -19.82
CA LYS B 160 -25.07 -18.37 -20.16
C LYS B 160 -25.22 -18.64 -21.65
N PRO B 161 -26.39 -19.10 -22.07
CA PRO B 161 -27.61 -19.41 -21.32
C PRO B 161 -27.69 -20.77 -20.66
N GLU B 162 -26.60 -21.54 -20.68
CA GLU B 162 -26.64 -22.86 -20.06
C GLU B 162 -27.37 -22.68 -18.72
N PRO B 163 -28.49 -23.38 -18.54
CA PRO B 163 -29.33 -23.33 -17.34
C PRO B 163 -28.67 -23.34 -15.96
N GLN B 164 -27.73 -24.24 -15.69
CA GLN B 164 -27.13 -24.32 -14.36
C GLN B 164 -26.53 -23.07 -13.74
N ILE B 165 -26.00 -22.15 -14.55
CA ILE B 165 -25.44 -20.93 -13.95
C ILE B 165 -26.50 -20.19 -13.16
N TYR B 166 -27.66 -19.99 -13.79
CA TYR B 166 -28.77 -19.30 -13.14
C TYR B 166 -29.14 -20.00 -11.85
N ASN B 167 -29.31 -21.32 -11.90
CA ASN B 167 -29.69 -22.08 -10.71
C ASN B 167 -28.63 -21.93 -9.62
N PHE B 168 -27.38 -21.74 -10.01
CA PHE B 168 -26.28 -21.59 -9.04
C PHE B 168 -26.29 -20.18 -8.44
N LEU B 169 -26.85 -19.23 -9.18
CA LEU B 169 -26.97 -17.84 -8.75
C LEU B 169 -27.96 -17.78 -7.58
N LEU B 170 -29.10 -18.43 -7.79
CA LEU B 170 -30.18 -18.50 -6.85
C LEU B 170 -29.72 -19.21 -5.58
N ASP B 171 -28.94 -20.28 -5.73
CA ASP B 171 -28.44 -21.05 -4.58
C ASP B 171 -27.44 -20.21 -3.78
N THR B 172 -26.80 -19.27 -4.47
CA THR B 172 -25.81 -18.41 -3.87
C THR B 172 -26.54 -17.27 -3.15
N LEU B 173 -27.41 -16.58 -3.86
CA LEU B 173 -28.16 -15.51 -3.23
C LEU B 173 -29.16 -16.11 -2.27
N LYS B 174 -29.41 -17.40 -2.42
CA LYS B 174 -30.36 -18.09 -1.55
C LYS B 174 -31.73 -17.42 -1.69
N ALA B 175 -32.29 -17.44 -2.89
CA ALA B 175 -33.57 -16.80 -3.13
C ALA B 175 -34.43 -17.45 -4.21
N LYS B 176 -35.60 -16.87 -4.44
CA LYS B 176 -36.50 -17.38 -5.46
C LYS B 176 -36.31 -16.47 -6.68
N PRO B 177 -36.76 -16.94 -7.86
CA PRO B 177 -36.66 -16.23 -9.14
C PRO B 177 -37.48 -14.94 -9.20
N ASN B 178 -38.36 -14.77 -8.22
CA ASN B 178 -39.21 -13.56 -8.15
C ASN B 178 -38.38 -12.37 -7.65
N GLU B 179 -37.91 -12.48 -6.41
CA GLU B 179 -37.11 -11.44 -5.77
C GLU B 179 -35.83 -11.07 -6.49
N VAL B 180 -35.72 -11.45 -7.76
CA VAL B 180 -34.51 -11.13 -8.50
C VAL B 180 -34.77 -10.58 -9.88
N VAL B 181 -33.99 -9.54 -10.17
CA VAL B 181 -34.02 -8.80 -11.42
C VAL B 181 -32.68 -9.00 -12.16
N PHE B 182 -32.76 -9.27 -13.46
CA PHE B 182 -31.59 -9.56 -14.28
C PHE B 182 -31.43 -8.66 -15.51
N LEU B 183 -30.29 -7.97 -15.53
CA LEU B 183 -29.94 -7.05 -16.60
C LEU B 183 -28.88 -7.65 -17.53
N ASP B 184 -29.17 -7.68 -18.83
CA ASP B 184 -28.21 -8.20 -19.79
C ASP B 184 -28.40 -7.56 -21.14
N ASP B 185 -27.34 -7.58 -21.94
CA ASP B 185 -27.35 -6.98 -23.27
C ASP B 185 -27.73 -7.90 -24.44
N PHE B 186 -27.95 -9.19 -24.19
CA PHE B 186 -28.28 -10.12 -25.29
C PHE B 186 -29.73 -10.53 -25.45
N GLY B 187 -30.40 -10.80 -24.33
CA GLY B 187 -31.80 -11.20 -24.39
C GLY B 187 -31.95 -12.70 -24.56
N SER B 188 -31.09 -13.28 -25.40
CA SER B 188 -31.09 -14.72 -25.62
C SER B 188 -30.57 -15.32 -24.30
N ASN B 189 -29.71 -14.54 -23.64
CA ASN B 189 -29.13 -14.90 -22.35
C ASN B 189 -30.19 -14.64 -21.32
N LEU B 190 -31.19 -13.85 -21.72
CA LEU B 190 -32.30 -13.49 -20.83
C LEU B 190 -33.53 -14.37 -21.00
N LYS B 191 -33.62 -15.11 -22.10
CA LYS B 191 -34.77 -15.99 -22.33
C LYS B 191 -35.07 -16.94 -21.13
N PRO B 192 -34.03 -17.61 -20.56
CA PRO B 192 -34.27 -18.53 -19.41
C PRO B 192 -34.64 -17.88 -18.05
N ALA B 193 -34.14 -16.67 -17.79
CA ALA B 193 -34.46 -15.96 -16.55
C ALA B 193 -35.97 -15.72 -16.43
N ARG B 194 -36.59 -15.12 -17.45
CA ARG B 194 -38.03 -14.88 -17.44
C ARG B 194 -38.69 -16.25 -17.22
N ASP B 195 -38.31 -17.20 -18.07
CA ASP B 195 -38.83 -18.56 -18.04
C ASP B 195 -38.67 -19.21 -16.69
N MET B 196 -37.89 -18.61 -15.81
CA MET B 196 -37.70 -19.18 -14.48
C MET B 196 -38.52 -18.40 -13.47
N GLY B 197 -39.18 -17.35 -13.95
CA GLY B 197 -39.97 -16.50 -13.09
C GLY B 197 -39.10 -15.39 -12.52
N MET B 198 -38.30 -14.79 -13.41
CA MET B 198 -37.40 -13.69 -13.07
C MET B 198 -37.76 -12.44 -13.91
N VAL B 199 -37.23 -11.30 -13.48
CA VAL B 199 -37.48 -10.04 -14.17
C VAL B 199 -36.43 -9.80 -15.24
N THR B 200 -36.85 -9.62 -16.50
CA THR B 200 -35.90 -9.38 -17.59
C THR B 200 -35.88 -7.97 -18.11
N ILE B 201 -34.70 -7.36 -18.12
CA ILE B 201 -34.54 -6.01 -18.62
C ILE B 201 -33.39 -6.02 -19.58
N LEU B 202 -33.68 -5.80 -20.84
CA LEU B 202 -32.62 -5.80 -21.82
C LEU B 202 -31.88 -4.49 -21.78
N VAL B 203 -30.63 -4.56 -21.33
CA VAL B 203 -29.79 -3.38 -21.24
C VAL B 203 -29.36 -2.85 -22.62
N HIS B 204 -30.37 -2.61 -23.45
CA HIS B 204 -30.16 -2.04 -24.78
C HIS B 204 -30.12 -0.55 -24.51
N ASN B 205 -29.24 0.16 -25.22
CA ASN B 205 -29.06 1.60 -25.05
C ASN B 205 -27.61 1.79 -24.62
N THR B 206 -27.49 2.24 -23.37
CA THR B 206 -26.21 2.48 -22.72
C THR B 206 -26.63 2.69 -21.25
N ALA B 207 -27.94 2.56 -21.03
CA ALA B 207 -28.60 2.68 -19.73
C ALA B 207 -29.95 3.34 -19.98
N SER B 208 -30.09 4.56 -19.45
CA SER B 208 -31.31 5.37 -19.58
C SER B 208 -32.61 4.58 -19.77
N ALA B 209 -32.95 4.25 -21.02
CA ALA B 209 -34.18 3.50 -21.26
C ALA B 209 -34.31 2.25 -20.38
N LEU B 210 -33.18 1.79 -19.84
CA LEU B 210 -33.11 0.60 -19.00
C LEU B 210 -33.19 0.92 -17.52
N ARG B 211 -32.64 2.07 -17.13
CA ARG B 211 -32.67 2.52 -15.72
C ARG B 211 -34.09 3.06 -15.50
N GLU B 212 -34.79 3.31 -16.61
CA GLU B 212 -36.17 3.79 -16.57
C GLU B 212 -37.04 2.64 -16.13
N LEU B 213 -36.97 1.54 -16.89
CA LEU B 213 -37.68 0.32 -16.55
C LEU B 213 -36.76 -0.26 -15.50
N GLU B 214 -36.69 0.41 -14.35
CA GLU B 214 -35.80 0.00 -13.28
C GLU B 214 -36.18 0.72 -11.99
N LYS B 215 -36.58 1.98 -12.18
CA LYS B 215 -37.04 2.81 -11.08
C LYS B 215 -38.50 2.40 -11.03
N VAL B 216 -38.91 1.87 -12.18
CA VAL B 216 -40.23 1.35 -12.39
C VAL B 216 -40.34 0.14 -11.46
N THR B 217 -39.34 -0.02 -10.59
CA THR B 217 -39.31 -1.11 -9.61
C THR B 217 -38.16 -1.03 -8.58
N GLY B 218 -38.51 -0.54 -7.40
CA GLY B 218 -37.54 -0.37 -6.33
C GLY B 218 -37.52 1.09 -5.93
N THR B 219 -36.77 1.91 -6.68
CA THR B 219 -36.65 3.35 -6.40
C THR B 219 -36.12 4.16 -7.60
N GLN B 220 -35.62 5.37 -7.33
CA GLN B 220 -35.09 6.28 -8.35
C GLN B 220 -33.63 6.70 -8.07
N PHE B 221 -32.90 7.09 -9.12
CA PHE B 221 -31.48 7.45 -9.00
C PHE B 221 -31.17 8.92 -9.18
N PRO B 222 -30.28 9.46 -8.31
CA PRO B 222 -29.91 10.87 -8.39
C PRO B 222 -29.64 11.31 -9.81
N GLU B 223 -29.72 12.62 -10.00
CA GLU B 223 -29.51 13.24 -11.28
C GLU B 223 -27.99 13.32 -11.39
N ALA B 224 -27.38 13.77 -10.30
CA ALA B 224 -25.93 13.87 -10.16
C ALA B 224 -25.71 13.27 -8.77
N PRO B 225 -25.32 11.99 -8.73
CA PRO B 225 -25.12 11.38 -7.43
C PRO B 225 -23.82 11.85 -6.83
N LEU B 226 -23.79 11.87 -5.50
CA LEU B 226 -22.60 12.28 -4.81
C LEU B 226 -21.65 11.10 -4.92
N PRO B 227 -20.36 11.38 -5.08
CA PRO B 227 -19.28 10.40 -5.22
C PRO B 227 -19.31 9.25 -4.22
N VAL B 228 -18.54 8.21 -4.55
CA VAL B 228 -18.41 7.01 -3.72
C VAL B 228 -17.53 7.30 -2.50
N PRO B 229 -18.13 7.31 -1.29
CA PRO B 229 -17.38 7.58 -0.07
C PRO B 229 -16.73 6.29 0.40
N CYS B 230 -15.44 6.35 0.67
CA CYS B 230 -14.70 5.19 1.13
C CYS B 230 -14.94 4.89 2.59
N ASN B 231 -15.50 3.74 2.95
CA ASN B 231 -15.68 3.53 4.38
C ASN B 231 -16.18 2.26 5.03
N PRO B 232 -15.49 1.87 6.10
CA PRO B 232 -14.34 2.19 6.97
C PRO B 232 -13.69 0.90 7.53
N ASN B 233 -14.51 -0.17 7.59
CA ASN B 233 -14.12 -1.51 8.04
C ASN B 233 -13.64 -2.24 6.79
N ASP B 234 -13.84 -1.59 5.65
CA ASP B 234 -13.45 -2.14 4.39
C ASP B 234 -12.09 -1.65 4.05
N VAL B 235 -11.49 -0.87 4.93
CA VAL B 235 -10.18 -0.34 4.59
C VAL B 235 -8.97 -0.96 5.29
N SER B 236 -7.79 -0.72 4.70
CA SER B 236 -6.55 -1.18 5.28
C SER B 236 -6.09 -0.11 6.28
N HIS B 237 -5.70 -0.51 7.49
CA HIS B 237 -5.26 0.44 8.51
C HIS B 237 -3.77 0.30 8.78
N GLY B 238 -3.00 1.38 8.63
CA GLY B 238 -1.57 1.30 8.87
C GLY B 238 -1.15 1.88 10.20
N TYR B 239 0.07 1.58 10.66
CA TYR B 239 0.52 2.11 11.94
C TYR B 239 2.01 2.19 11.87
N VAL B 240 2.54 3.38 12.12
CA VAL B 240 3.97 3.65 12.08
C VAL B 240 4.39 4.22 13.41
N THR B 241 5.53 3.81 13.92
CA THR B 241 5.99 4.35 15.18
C THR B 241 7.18 5.23 14.85
N VAL B 242 6.93 6.53 14.87
CA VAL B 242 7.92 7.53 14.54
C VAL B 242 8.98 7.84 15.62
N LYS B 243 8.58 7.77 16.89
CA LYS B 243 9.48 8.06 18.02
C LYS B 243 9.02 7.14 19.14
N PRO B 244 9.88 6.85 20.13
CA PRO B 244 9.48 5.96 21.23
C PRO B 244 8.00 5.94 21.55
N GLY B 245 7.48 6.89 22.29
CA GLY B 245 6.06 6.79 22.60
C GLY B 245 5.04 7.09 21.52
N ILE B 246 5.45 7.78 20.45
CA ILE B 246 4.55 8.23 19.38
C ILE B 246 4.39 7.40 18.11
N ARG B 247 3.15 7.23 17.69
CA ARG B 247 2.87 6.42 16.54
C ARG B 247 1.65 6.96 15.79
N LEU B 248 1.78 7.16 14.49
CA LEU B 248 0.70 7.66 13.66
C LEU B 248 -0.12 6.55 13.05
N HIS B 249 -1.42 6.74 12.90
CA HIS B 249 -2.28 5.76 12.28
C HIS B 249 -2.77 6.38 10.99
N PHE B 250 -3.07 5.56 9.99
CA PHE B 250 -3.58 6.07 8.72
C PHE B 250 -4.36 5.01 7.98
N VAL B 251 -4.91 5.39 6.84
CA VAL B 251 -5.68 4.49 6.00
C VAL B 251 -5.01 4.53 4.61
N GLU B 252 -5.06 3.41 3.88
CA GLU B 252 -4.39 3.29 2.60
C GLU B 252 -5.25 2.71 1.49
N MET B 253 -5.17 3.34 0.32
CA MET B 253 -5.95 2.84 -0.81
C MET B 253 -5.30 3.22 -2.12
N GLY B 254 -5.31 2.29 -3.07
CA GLY B 254 -4.75 2.55 -4.38
C GLY B 254 -3.28 2.26 -4.48
N SER B 255 -2.76 2.35 -5.71
CA SER B 255 -1.35 2.09 -6.00
C SER B 255 -0.55 3.22 -6.64
N GLY B 256 0.64 3.47 -6.06
CA GLY B 256 1.64 4.48 -6.40
C GLY B 256 1.35 5.50 -7.47
N PRO B 257 1.90 6.72 -7.39
CA PRO B 257 2.78 7.32 -6.39
C PRO B 257 2.02 7.85 -5.17
N ALA B 258 2.74 7.98 -4.06
CA ALA B 258 2.18 8.40 -2.76
C ALA B 258 1.63 9.80 -2.63
N LEU B 259 0.49 9.90 -1.95
CA LEU B 259 -0.12 11.20 -1.70
C LEU B 259 -0.81 11.24 -0.33
N CYS B 260 -0.22 11.97 0.61
CA CYS B 260 -0.78 12.05 1.96
C CYS B 260 -1.82 13.14 2.24
N LEU B 261 -3.06 12.71 2.52
CA LEU B 261 -4.14 13.62 2.89
C LEU B 261 -4.12 13.91 4.41
N CYS B 262 -3.79 15.15 4.81
CA CYS B 262 -3.79 15.52 6.22
C CYS B 262 -5.01 16.41 6.60
N HIS B 263 -5.79 15.97 7.58
CA HIS B 263 -7.02 16.67 8.02
C HIS B 263 -6.79 17.81 9.02
N GLY B 264 -7.87 18.51 9.33
CA GLY B 264 -7.79 19.61 10.28
C GLY B 264 -8.65 19.49 11.53
N PHE B 265 -8.55 20.49 12.40
CA PHE B 265 -9.30 20.50 13.65
C PHE B 265 -10.75 20.87 13.39
N PRO B 266 -11.69 20.12 14.00
CA PRO B 266 -11.49 18.96 14.89
C PRO B 266 -11.99 17.76 14.08
N GLU B 267 -11.15 17.21 13.21
CA GLU B 267 -11.62 16.09 12.37
C GLU B 267 -10.83 14.77 12.48
N SER B 268 -10.76 14.07 11.34
CA SER B 268 -10.09 12.78 11.23
C SER B 268 -9.84 12.40 9.79
N TRP B 269 -9.21 11.24 9.63
CA TRP B 269 -8.91 10.74 8.29
C TRP B 269 -10.25 10.51 7.61
N PHE B 270 -11.26 10.13 8.39
CA PHE B 270 -12.57 9.86 7.84
C PHE B 270 -13.14 11.06 7.12
N SER B 271 -12.57 12.25 7.34
CA SER B 271 -13.05 13.46 6.67
C SER B 271 -12.84 13.41 5.15
N TRP B 272 -11.74 12.79 4.74
CA TRP B 272 -11.42 12.66 3.33
C TRP B 272 -12.16 11.51 2.69
N ARG B 273 -13.15 10.97 3.38
CA ARG B 273 -13.88 9.84 2.89
C ARG B 273 -14.32 9.93 1.43
N TYR B 274 -14.57 11.12 0.94
CA TYR B 274 -15.04 11.17 -0.42
C TYR B 274 -13.93 11.29 -1.44
N GLN B 275 -12.76 11.69 -0.99
CA GLN B 275 -11.67 11.87 -1.90
C GLN B 275 -10.78 10.63 -2.00
N ILE B 276 -10.69 9.84 -0.92
CA ILE B 276 -9.89 8.62 -0.87
C ILE B 276 -10.18 7.66 -2.04
N PRO B 277 -11.42 7.20 -2.20
CA PRO B 277 -11.68 6.31 -3.34
C PRO B 277 -11.29 6.98 -4.65
N ALA B 278 -12.07 8.01 -5.02
CA ALA B 278 -11.87 8.75 -6.26
C ALA B 278 -10.41 8.99 -6.57
N LEU B 279 -9.64 9.35 -5.55
CA LEU B 279 -8.22 9.63 -5.72
C LEU B 279 -7.39 8.40 -6.05
N ALA B 280 -7.78 7.27 -5.45
CA ALA B 280 -7.09 6.01 -5.65
C ALA B 280 -7.33 5.64 -7.08
N GLN B 281 -8.63 5.58 -7.41
CA GLN B 281 -9.08 5.24 -8.75
C GLN B 281 -8.46 6.15 -9.81
N ALA B 282 -8.03 7.35 -9.42
CA ALA B 282 -7.42 8.30 -10.34
C ALA B 282 -5.97 7.98 -10.54
N GLY B 283 -5.55 6.83 -10.02
CA GLY B 283 -4.16 6.45 -10.17
C GLY B 283 -3.18 6.76 -9.04
N PHE B 284 -3.64 6.98 -7.81
CA PHE B 284 -2.65 7.29 -6.77
C PHE B 284 -2.73 6.41 -5.53
N ARG B 285 -1.62 6.33 -4.78
CA ARG B 285 -1.57 5.53 -3.54
C ARG B 285 -1.88 6.48 -2.38
N VAL B 286 -3.16 6.54 -1.99
CA VAL B 286 -3.62 7.40 -0.92
C VAL B 286 -3.22 7.02 0.52
N LEU B 287 -2.80 8.01 1.31
CA LEU B 287 -2.46 7.78 2.70
C LEU B 287 -3.16 8.80 3.60
N ALA B 288 -4.48 8.69 3.72
CA ALA B 288 -5.27 9.58 4.58
C ALA B 288 -4.92 9.40 6.08
N ILE B 289 -3.91 10.12 6.57
CA ILE B 289 -3.47 10.06 7.96
C ILE B 289 -4.33 10.74 9.07
N ASP B 290 -4.25 10.19 10.30
CA ASP B 290 -4.90 10.72 11.53
C ASP B 290 -3.78 11.56 12.13
N MET B 291 -3.93 12.87 12.15
CA MET B 291 -2.88 13.73 12.67
C MET B 291 -2.54 13.49 14.14
N LYS B 292 -1.33 13.89 14.53
CA LYS B 292 -0.97 13.71 15.92
C LYS B 292 -2.08 14.24 16.85
N GLY B 293 -2.37 13.50 17.92
CA GLY B 293 -3.38 13.91 18.84
C GLY B 293 -4.77 13.49 18.44
N TYR B 294 -4.96 12.92 17.23
CA TYR B 294 -6.31 12.51 16.80
C TYR B 294 -6.59 11.03 16.62
N GLY B 295 -7.87 10.69 16.70
CA GLY B 295 -8.34 9.31 16.50
C GLY B 295 -7.52 8.12 16.97
N ASP B 296 -6.89 7.43 16.03
CA ASP B 296 -6.09 6.23 16.35
C ASP B 296 -4.55 6.40 16.44
N SER B 297 -4.05 7.64 16.40
CA SER B 297 -2.61 7.94 16.53
C SER B 297 -2.34 8.45 17.96
N SER B 298 -1.06 8.51 18.35
CA SER B 298 -0.72 8.93 19.69
C SER B 298 -1.11 10.37 19.93
N SER B 299 -1.86 10.59 21.02
CA SER B 299 -2.37 11.90 21.43
C SER B 299 -1.75 12.29 22.78
N PRO B 300 -0.42 12.58 22.83
CA PRO B 300 0.21 12.95 24.10
C PRO B 300 -0.40 14.21 24.68
N PRO B 301 -0.14 14.50 25.97
CA PRO B 301 -0.69 15.68 26.63
C PRO B 301 0.16 16.97 26.53
N GLU B 302 1.49 16.84 26.59
CA GLU B 302 2.38 18.01 26.52
C GLU B 302 2.04 18.92 25.33
N ILE B 303 2.09 20.23 25.58
CA ILE B 303 1.79 21.23 24.56
C ILE B 303 2.94 21.31 23.56
N GLU B 304 4.17 21.33 24.08
CA GLU B 304 5.37 21.42 23.26
C GLU B 304 5.37 20.32 22.21
N GLU B 305 4.60 19.27 22.48
CA GLU B 305 4.48 18.13 21.59
C GLU B 305 3.79 18.44 20.25
N TYR B 306 3.07 19.55 20.15
CA TYR B 306 2.37 19.88 18.90
C TYR B 306 2.94 21.08 18.12
N ALA B 307 4.15 21.46 18.49
CA ALA B 307 4.83 22.55 17.85
C ALA B 307 4.84 22.13 16.42
N MET B 308 4.58 23.07 15.53
CA MET B 308 4.58 22.76 14.11
C MET B 308 5.97 22.27 13.62
N GLU B 309 7.05 22.77 14.18
CA GLU B 309 8.39 22.34 13.77
C GLU B 309 8.56 20.84 14.02
N LEU B 310 8.10 20.41 15.18
CA LEU B 310 8.19 19.03 15.62
C LEU B 310 7.18 18.17 14.86
N LEU B 311 6.04 18.76 14.51
CA LEU B 311 4.99 18.08 13.77
C LEU B 311 5.40 17.81 12.33
N CYS B 312 6.25 18.67 11.80
CA CYS B 312 6.68 18.57 10.41
C CYS B 312 7.79 17.57 10.32
N LYS B 313 8.66 17.60 11.31
CA LYS B 313 9.77 16.67 11.40
C LYS B 313 9.21 15.26 11.42
N GLU B 314 8.17 15.06 12.22
CA GLU B 314 7.54 13.75 12.32
C GLU B 314 6.75 13.34 11.09
N MET B 315 6.66 14.17 10.08
CA MET B 315 5.95 13.74 8.89
C MET B 315 7.03 13.13 8.01
N VAL B 316 8.22 13.70 8.13
CA VAL B 316 9.35 13.21 7.38
C VAL B 316 9.63 11.79 7.86
N THR B 317 9.75 11.64 9.18
CA THR B 317 10.01 10.35 9.77
C THR B 317 8.93 9.33 9.34
N PHE B 318 7.68 9.75 9.30
CA PHE B 318 6.62 8.85 8.85
C PHE B 318 6.91 8.34 7.41
N LEU B 319 7.63 9.10 6.62
CA LEU B 319 7.93 8.64 5.27
C LEU B 319 9.11 7.68 5.36
N ASP B 320 10.20 8.14 5.98
CA ASP B 320 11.40 7.31 6.15
C ASP B 320 11.14 5.87 6.65
N LYS B 321 10.32 5.73 7.69
CA LYS B 321 9.95 4.43 8.24
C LYS B 321 9.11 3.64 7.25
N LEU B 322 8.30 4.36 6.48
CA LEU B 322 7.41 3.75 5.51
C LEU B 322 8.12 3.48 4.18
N GLY B 323 9.38 3.89 4.12
CA GLY B 323 10.13 3.70 2.91
C GLY B 323 9.86 4.72 1.82
N ILE B 324 8.76 5.47 1.90
CA ILE B 324 8.45 6.47 0.88
C ILE B 324 9.37 7.68 0.92
N PRO B 325 10.01 8.04 -0.22
CA PRO B 325 10.93 9.19 -0.28
C PRO B 325 10.31 10.54 -0.70
N GLN B 326 9.11 10.50 -1.25
CA GLN B 326 8.48 11.73 -1.68
C GLN B 326 7.02 11.44 -1.80
N ALA B 327 6.19 12.43 -1.42
CA ALA B 327 4.74 12.30 -1.49
C ALA B 327 4.20 13.68 -1.83
N VAL B 328 2.92 13.75 -2.21
CA VAL B 328 2.34 15.05 -2.45
C VAL B 328 1.48 15.20 -1.21
N PHE B 329 1.72 16.29 -0.50
CA PHE B 329 0.97 16.58 0.68
C PHE B 329 -0.15 17.51 0.35
N ILE B 330 -1.33 17.17 0.83
CA ILE B 330 -2.40 18.06 0.63
C ILE B 330 -3.16 18.18 1.95
N GLY B 331 -3.09 19.38 2.54
CA GLY B 331 -3.75 19.64 3.81
C GLY B 331 -4.99 20.51 3.76
N HIS B 332 -5.61 20.68 4.91
CA HIS B 332 -6.80 21.49 5.03
C HIS B 332 -6.84 21.95 6.47
N ASP B 333 -7.29 23.20 6.68
CA ASP B 333 -7.40 23.80 8.04
C ASP B 333 -6.00 23.87 8.62
N TRP B 334 -5.80 23.27 9.79
CA TRP B 334 -4.48 23.28 10.39
C TRP B 334 -3.41 22.51 9.60
N ALA B 335 -3.78 21.36 9.04
CA ALA B 335 -2.84 20.55 8.27
C ALA B 335 -2.34 21.42 7.13
N GLY B 336 -3.27 22.19 6.54
CA GLY B 336 -2.94 23.12 5.46
C GLY B 336 -1.69 23.92 5.82
N VAL B 337 -1.62 24.41 7.05
CA VAL B 337 -0.48 25.20 7.54
C VAL B 337 0.79 24.35 7.50
N MET B 338 0.69 23.17 8.12
CA MET B 338 1.79 22.21 8.20
C MET B 338 2.33 21.90 6.79
N VAL B 339 1.40 21.53 5.92
CA VAL B 339 1.68 21.21 4.56
C VAL B 339 2.52 22.33 3.93
N TRP B 340 2.11 23.60 4.10
CA TRP B 340 2.86 24.72 3.52
C TRP B 340 4.23 24.78 4.15
N ASN B 341 4.33 24.38 5.41
CA ASN B 341 5.66 24.40 6.04
C ASN B 341 6.54 23.23 5.69
N MET B 342 5.91 22.17 5.19
CA MET B 342 6.64 20.98 4.72
C MET B 342 7.31 21.46 3.42
N ALA B 343 6.50 22.08 2.57
CA ALA B 343 7.00 22.60 1.30
C ALA B 343 8.13 23.57 1.50
N LEU B 344 8.04 24.32 2.58
CA LEU B 344 9.03 25.33 2.89
C LEU B 344 10.25 24.81 3.60
N PHE B 345 10.08 23.75 4.39
CA PHE B 345 11.22 23.21 5.12
C PHE B 345 11.85 21.90 4.60
N TYR B 346 11.02 21.06 3.99
CA TYR B 346 11.49 19.79 3.45
C TYR B 346 11.00 19.69 2.01
N PRO B 347 11.63 20.45 1.10
CA PRO B 347 11.21 20.42 -0.31
C PRO B 347 11.48 19.06 -0.99
N GLU B 348 12.65 18.48 -0.68
CA GLU B 348 13.09 17.16 -1.19
C GLU B 348 12.00 16.09 -1.11
N ARG B 349 11.25 16.08 -0.02
CA ARG B 349 10.20 15.11 0.21
C ARG B 349 8.86 15.50 -0.34
N VAL B 350 8.76 16.68 -0.94
CA VAL B 350 7.45 17.08 -1.42
C VAL B 350 7.30 17.05 -2.92
N ARG B 351 6.54 16.08 -3.42
CA ARG B 351 6.31 16.00 -4.85
C ARG B 351 5.53 17.29 -5.16
N ALA B 352 4.50 17.53 -4.33
CA ALA B 352 3.64 18.70 -4.46
C ALA B 352 2.82 18.99 -3.19
N VAL B 353 2.22 20.18 -3.17
CA VAL B 353 1.42 20.66 -2.04
C VAL B 353 0.13 21.27 -2.52
N ALA B 354 -0.93 21.02 -1.79
CA ALA B 354 -2.22 21.59 -2.12
C ALA B 354 -2.77 22.01 -0.79
N SER B 355 -3.53 23.10 -0.78
CA SER B 355 -4.17 23.52 0.44
C SER B 355 -5.60 23.80 0.15
N LEU B 356 -6.45 23.51 1.11
CA LEU B 356 -7.88 23.79 0.96
C LEU B 356 -8.16 24.86 2.01
N ASN B 357 -8.74 25.97 1.57
CA ASN B 357 -9.08 27.11 2.44
C ASN B 357 -7.87 27.83 3.09
N THR B 358 -6.96 27.06 3.67
CA THR B 358 -5.82 27.65 4.36
C THR B 358 -4.68 28.21 3.55
N PRO B 359 -4.56 29.55 3.56
CA PRO B 359 -3.52 30.27 2.83
C PRO B 359 -2.19 30.07 3.49
N PHE B 360 -1.16 30.44 2.77
CA PHE B 360 0.19 30.34 3.29
C PHE B 360 0.35 31.72 3.89
N MET B 361 0.33 31.82 5.21
CA MET B 361 0.46 33.12 5.86
C MET B 361 1.71 33.18 6.74
N PRO B 362 2.86 33.50 6.14
CA PRO B 362 4.11 33.59 6.92
C PRO B 362 4.00 34.68 7.99
N PRO B 363 4.92 34.71 8.97
CA PRO B 363 4.88 35.72 10.03
C PRO B 363 5.82 36.88 9.75
N ASP B 364 5.64 37.99 10.50
CA ASP B 364 6.51 39.18 10.39
C ASP B 364 7.41 39.08 11.60
N PRO B 365 8.67 39.41 11.44
CA PRO B 365 9.56 39.32 12.58
C PRO B 365 9.46 40.52 13.52
N ASP B 366 8.69 41.51 13.12
CA ASP B 366 8.50 42.72 13.91
C ASP B 366 7.03 42.89 14.28
N VAL B 367 6.38 41.78 14.59
CA VAL B 367 4.97 41.79 14.95
C VAL B 367 4.62 40.59 15.80
N SER B 368 4.77 40.69 17.12
CA SER B 368 4.44 39.58 18.02
C SER B 368 3.23 38.83 17.42
N PRO B 369 3.33 37.50 17.33
CA PRO B 369 2.28 36.61 16.78
C PRO B 369 0.97 36.59 17.51
N MET B 370 0.99 36.83 18.82
CA MET B 370 -0.24 36.82 19.59
C MET B 370 -0.99 38.08 19.24
N LYS B 371 -0.24 39.17 19.07
CA LYS B 371 -0.83 40.45 18.71
C LYS B 371 -1.62 40.28 17.41
N VAL B 372 -1.05 39.55 16.46
CA VAL B 372 -1.75 39.34 15.20
C VAL B 372 -3.03 38.56 15.37
N ILE B 373 -3.09 37.69 16.38
CA ILE B 373 -4.31 36.94 16.59
C ILE B 373 -5.31 37.81 17.34
N ARG B 374 -4.81 38.56 18.32
CA ARG B 374 -5.62 39.45 19.15
C ARG B 374 -6.36 40.53 18.35
N SER B 375 -5.81 40.92 17.20
CA SER B 375 -6.42 41.92 16.32
C SER B 375 -7.59 41.40 15.45
N ILE B 376 -7.35 40.35 14.66
CA ILE B 376 -8.41 39.78 13.81
C ILE B 376 -9.61 39.40 14.68
N PRO B 377 -10.74 40.08 14.47
CA PRO B 377 -11.95 39.81 15.25
C PRO B 377 -12.47 38.38 15.09
N VAL B 378 -12.08 37.73 14.00
CA VAL B 378 -12.55 36.40 13.70
C VAL B 378 -11.69 35.23 14.18
N PHE B 379 -10.69 35.51 14.99
CA PHE B 379 -9.88 34.45 15.51
C PHE B 379 -10.08 34.54 17.02
N ASN B 380 -11.29 34.88 17.44
CA ASN B 380 -11.55 35.00 18.86
C ASN B 380 -11.42 33.64 19.52
N TYR B 381 -12.17 32.67 18.99
CA TYR B 381 -12.13 31.31 19.50
C TYR B 381 -10.68 30.86 19.61
N GLN B 382 -9.87 31.25 18.66
CA GLN B 382 -8.48 30.88 18.71
C GLN B 382 -7.89 31.25 20.05
N LEU B 383 -8.42 32.31 20.64
CA LEU B 383 -7.90 32.77 21.93
C LEU B 383 -8.56 32.00 23.02
N TYR B 384 -9.85 31.78 22.85
CA TYR B 384 -10.59 31.03 23.82
C TYR B 384 -9.84 29.70 24.04
N PHE B 385 -9.40 29.08 22.95
CA PHE B 385 -8.68 27.81 22.96
C PHE B 385 -7.33 27.88 23.72
N GLN B 386 -6.68 29.02 23.66
CA GLN B 386 -5.40 29.14 24.33
C GLN B 386 -5.33 28.68 25.78
N GLU B 387 -6.46 28.56 26.47
CA GLU B 387 -6.38 28.11 27.86
C GLU B 387 -6.81 26.66 28.08
N PRO B 388 -5.85 25.82 28.57
CA PRO B 388 -5.91 24.39 28.90
C PRO B 388 -6.98 23.94 29.85
N GLY B 389 -7.82 23.03 29.37
CA GLY B 389 -8.88 22.49 30.17
C GLY B 389 -10.18 23.16 29.87
N VAL B 390 -10.08 24.45 29.55
CA VAL B 390 -11.26 25.25 29.29
C VAL B 390 -12.07 24.82 28.07
N ALA B 391 -11.55 25.00 26.87
CA ALA B 391 -12.35 24.60 25.74
C ALA B 391 -12.56 23.06 25.73
N GLU B 392 -11.58 22.31 26.24
CA GLU B 392 -11.70 20.86 26.29
C GLU B 392 -13.01 20.52 26.97
N ALA B 393 -13.16 21.04 28.18
CA ALA B 393 -14.36 20.82 28.97
C ALA B 393 -15.66 21.13 28.23
N GLU B 394 -15.70 22.23 27.47
CA GLU B 394 -16.94 22.59 26.75
C GLU B 394 -17.24 21.62 25.60
N LEU B 395 -16.24 21.41 24.74
CA LEU B 395 -16.36 20.52 23.58
C LEU B 395 -16.70 19.08 23.99
N GLU B 396 -16.03 18.58 25.03
CA GLU B 396 -16.29 17.24 25.52
C GLU B 396 -17.60 17.00 26.26
N LYS B 397 -18.16 18.01 26.94
CA LYS B 397 -19.42 17.84 27.70
C LYS B 397 -20.43 16.97 26.97
N ASN B 398 -20.65 17.27 25.71
CA ASN B 398 -21.57 16.45 24.96
C ASN B 398 -21.09 16.52 23.52
N MET B 399 -20.36 15.49 23.12
CA MET B 399 -19.76 15.40 21.79
C MET B 399 -20.75 15.40 20.64
N SER B 400 -21.96 14.94 20.87
CA SER B 400 -22.91 14.98 19.77
C SER B 400 -23.20 16.44 19.29
N ARG B 401 -23.53 17.35 20.23
CA ARG B 401 -23.79 18.75 19.88
C ARG B 401 -22.50 19.26 19.27
N THR B 402 -21.42 19.12 20.01
CA THR B 402 -20.14 19.58 19.49
C THR B 402 -19.95 19.29 18.00
N PHE B 403 -20.30 18.11 17.54
CA PHE B 403 -20.04 17.85 16.13
C PHE B 403 -21.12 18.41 15.22
N LYS B 404 -22.38 18.22 15.58
CA LYS B 404 -23.44 18.77 14.74
C LYS B 404 -23.27 20.30 14.66
N SER B 405 -22.77 20.90 15.74
CA SER B 405 -22.54 22.33 15.81
C SER B 405 -21.49 22.72 14.83
N PHE B 406 -20.33 22.08 14.94
CA PHE B 406 -19.24 22.36 14.02
C PHE B 406 -19.51 22.07 12.54
N PHE B 407 -20.03 20.89 12.21
CA PHE B 407 -20.23 20.57 10.79
C PHE B 407 -21.57 20.89 10.23
N ARG B 408 -21.65 22.06 9.59
CA ARG B 408 -22.89 22.47 8.95
C ARG B 408 -22.46 23.19 7.66
N ALA B 409 -23.39 23.26 6.70
CA ALA B 409 -23.12 23.85 5.39
C ALA B 409 -23.05 25.36 5.37
N SER B 410 -22.36 25.92 4.38
CA SER B 410 -22.23 27.37 4.25
C SER B 410 -23.61 28.04 4.20
N ASP B 411 -24.64 27.28 3.87
CA ASP B 411 -25.99 27.82 3.81
C ASP B 411 -26.89 27.19 4.87
N GLU B 412 -26.43 27.24 6.13
CA GLU B 412 -27.16 26.64 7.25
C GLU B 412 -27.01 27.48 8.51
N THR B 413 -27.92 27.29 9.46
CA THR B 413 -27.93 28.03 10.73
C THR B 413 -26.98 27.44 11.78
N GLY B 414 -27.44 27.42 13.04
CA GLY B 414 -26.71 26.88 14.20
C GLY B 414 -25.21 27.06 14.37
N PHE B 415 -24.62 27.87 13.49
CA PHE B 415 -23.19 28.13 13.47
C PHE B 415 -22.41 28.19 14.79
N ILE B 416 -21.09 28.31 14.65
CA ILE B 416 -20.16 28.38 15.75
C ILE B 416 -19.89 29.87 16.09
N ALA B 417 -19.39 30.14 17.30
CA ALA B 417 -19.10 31.49 17.77
C ALA B 417 -17.63 31.88 17.65
N VAL B 418 -17.16 32.05 16.44
CA VAL B 418 -15.75 32.38 16.24
C VAL B 418 -15.32 33.78 16.67
N HIS B 419 -16.29 34.70 16.63
CA HIS B 419 -16.07 36.11 16.96
C HIS B 419 -16.13 36.45 18.45
N LYS B 420 -17.19 36.02 19.14
CA LYS B 420 -17.43 36.35 20.55
C LYS B 420 -17.02 35.38 21.69
N ALA B 421 -16.73 34.15 21.33
CA ALA B 421 -16.37 33.10 22.28
C ALA B 421 -15.94 33.49 23.68
N THR B 422 -15.02 34.41 23.79
CA THR B 422 -14.51 34.77 25.10
C THR B 422 -15.41 35.69 25.96
N GLU B 423 -16.31 36.43 25.33
CA GLU B 423 -17.23 37.28 26.06
C GLU B 423 -18.21 36.33 26.74
N ILE B 424 -19.09 35.74 25.95
CA ILE B 424 -20.05 34.80 26.47
C ILE B 424 -19.43 33.48 27.00
N GLY B 425 -18.10 33.36 26.94
CA GLY B 425 -17.45 32.15 27.44
C GLY B 425 -17.85 30.81 26.81
N GLY B 426 -17.46 30.58 25.56
CA GLY B 426 -17.79 29.33 24.89
C GLY B 426 -18.09 29.55 23.41
N ILE B 427 -18.20 28.45 22.64
CA ILE B 427 -18.51 28.51 21.20
C ILE B 427 -19.86 27.83 21.03
N LEU B 428 -20.13 26.90 21.95
CA LEU B 428 -21.36 26.13 21.95
C LEU B 428 -22.40 26.75 22.86
N VAL B 429 -22.05 27.96 23.31
CA VAL B 429 -22.86 28.79 24.21
C VAL B 429 -24.20 29.16 23.60
N ASN B 430 -24.17 29.76 22.40
CA ASN B 430 -25.40 30.17 21.72
C ASN B 430 -25.92 29.05 20.85
N THR B 431 -25.18 27.97 20.80
CA THR B 431 -25.59 26.81 20.02
C THR B 431 -26.60 26.01 20.87
N PRO B 432 -27.80 25.71 20.29
CA PRO B 432 -28.87 24.96 20.97
C PRO B 432 -28.26 23.67 21.46
N GLU B 433 -28.83 23.01 22.46
CA GLU B 433 -28.17 21.78 22.88
C GLU B 433 -28.93 20.56 22.40
N ASP B 434 -29.19 20.56 21.10
CA ASP B 434 -29.94 19.53 20.39
C ASP B 434 -29.91 19.94 18.94
N PRO B 435 -28.77 20.43 18.43
CA PRO B 435 -28.74 20.84 17.02
C PRO B 435 -29.51 19.84 16.18
N ASN B 436 -30.23 20.36 15.19
CA ASN B 436 -30.94 19.45 14.30
C ASN B 436 -29.71 18.98 13.49
N LEU B 437 -29.80 17.85 12.80
CA LEU B 437 -28.64 17.33 12.06
C LEU B 437 -28.34 17.97 10.71
N SER B 438 -27.12 18.47 10.55
CA SER B 438 -26.73 19.12 9.30
C SER B 438 -27.17 18.25 8.15
N LYS B 439 -27.21 18.82 6.96
CA LYS B 439 -27.61 18.06 5.79
C LYS B 439 -26.34 17.55 5.13
N ILE B 440 -25.22 17.88 5.73
CA ILE B 440 -23.91 17.56 5.21
C ILE B 440 -23.24 16.30 5.82
N THR B 441 -23.91 15.73 6.81
CA THR B 441 -23.41 14.56 7.49
C THR B 441 -24.59 13.73 7.98
N THR B 442 -24.34 12.46 8.34
CA THR B 442 -25.40 11.56 8.83
C THR B 442 -25.10 11.19 10.27
N GLU B 443 -26.12 10.67 10.97
CA GLU B 443 -25.91 10.29 12.35
C GLU B 443 -24.71 9.37 12.36
N GLU B 444 -24.70 8.46 11.39
CA GLU B 444 -23.64 7.48 11.25
C GLU B 444 -22.30 8.16 11.19
N GLU B 445 -22.16 9.13 10.30
CA GLU B 445 -20.89 9.84 10.21
C GLU B 445 -20.58 10.56 11.51
N ILE B 446 -21.60 11.18 12.11
CA ILE B 446 -21.38 11.90 13.37
C ILE B 446 -20.83 10.95 14.44
N GLU B 447 -21.46 9.77 14.56
CA GLU B 447 -21.08 8.73 15.51
C GLU B 447 -19.62 8.31 15.42
N PHE B 448 -19.13 8.21 14.19
CA PHE B 448 -17.74 7.84 13.98
C PHE B 448 -16.82 8.88 14.64
N TYR B 449 -17.14 10.16 14.46
CA TYR B 449 -16.31 11.20 15.07
C TYR B 449 -16.41 11.13 16.60
N ILE B 450 -17.63 10.84 17.11
CA ILE B 450 -17.82 10.75 18.54
C ILE B 450 -16.87 9.71 19.11
N GLN B 451 -16.94 8.51 18.52
CA GLN B 451 -16.12 7.39 18.96
C GLN B 451 -14.64 7.67 18.84
N GLN B 452 -14.24 8.36 17.77
CA GLN B 452 -12.84 8.66 17.59
C GLN B 452 -12.33 9.58 18.68
N PHE B 453 -13.18 10.50 19.14
CA PHE B 453 -12.76 11.46 20.14
C PHE B 453 -12.94 11.00 21.57
N LYS B 454 -13.63 9.87 21.75
CA LYS B 454 -13.79 9.35 23.09
C LYS B 454 -12.41 8.77 23.42
N LYS B 455 -11.63 8.42 22.38
CA LYS B 455 -10.28 7.88 22.60
C LYS B 455 -9.23 8.97 22.80
N THR B 456 -9.41 10.13 22.20
CA THR B 456 -8.42 11.20 22.35
C THR B 456 -8.84 12.37 23.29
N GLY B 457 -10.13 12.57 23.45
CA GLY B 457 -10.53 13.70 24.23
C GLY B 457 -10.18 14.83 23.27
N PHE B 458 -10.05 16.06 23.77
CA PHE B 458 -9.75 17.16 22.88
C PHE B 458 -8.45 17.87 23.18
N ARG B 459 -7.82 17.55 24.29
CA ARG B 459 -6.55 18.23 24.59
C ARG B 459 -5.63 18.18 23.37
N GLY B 460 -5.21 16.97 23.01
CA GLY B 460 -4.31 16.80 21.88
C GLY B 460 -4.66 17.69 20.69
N PRO B 461 -5.87 17.58 20.12
CA PRO B 461 -6.17 18.44 18.97
C PRO B 461 -5.98 19.94 19.24
N LEU B 462 -6.51 20.42 20.38
CA LEU B 462 -6.40 21.84 20.70
C LEU B 462 -4.95 22.28 20.89
N ASN B 463 -4.08 21.40 21.38
CA ASN B 463 -2.69 21.81 21.58
C ASN B 463 -2.07 22.37 20.31
N TRP B 464 -2.80 22.28 19.19
CA TRP B 464 -2.33 22.77 17.90
C TRP B 464 -2.34 24.31 17.88
N TYR B 465 -3.39 24.85 18.48
CA TYR B 465 -3.59 26.29 18.61
C TYR B 465 -2.61 26.92 19.62
N ARG B 466 -2.20 26.11 20.60
CA ARG B 466 -1.32 26.55 21.64
C ARG B 466 0.18 26.62 21.42
N ASN B 467 0.68 26.83 20.20
CA ASN B 467 2.13 26.89 20.05
C ASN B 467 2.56 28.12 19.24
N THR B 468 1.68 29.09 19.29
CA THR B 468 1.82 30.38 18.65
C THR B 468 3.21 31.00 18.67
N GLU B 469 3.77 31.11 19.87
CA GLU B 469 5.07 31.71 20.03
C GLU B 469 6.15 31.02 19.24
N ARG B 470 6.53 29.85 19.73
CA ARG B 470 7.56 29.06 19.10
C ARG B 470 7.27 28.84 17.63
N ASN B 471 6.00 28.56 17.26
CA ASN B 471 5.69 28.38 15.84
C ASN B 471 6.18 29.63 15.10
N TRP B 472 5.79 30.80 15.60
CA TRP B 472 6.22 32.06 15.03
C TRP B 472 7.77 32.08 14.94
N LYS B 473 8.42 31.83 16.07
CA LYS B 473 9.89 31.84 16.11
C LYS B 473 10.53 30.88 15.13
N TRP B 474 9.88 29.75 14.89
CA TRP B 474 10.39 28.72 13.98
C TRP B 474 10.24 29.15 12.52
N SER B 475 9.03 29.43 12.09
CA SER B 475 8.75 29.86 10.71
C SER B 475 9.57 31.06 10.23
N CYS B 476 9.95 31.91 11.15
CA CYS B 476 10.74 33.08 10.80
C CYS B 476 12.06 32.64 10.18
N LYS B 477 12.48 31.40 10.47
CA LYS B 477 13.73 30.85 9.92
C LYS B 477 13.77 30.80 8.40
N GLY B 478 12.61 30.71 7.75
CA GLY B 478 12.58 30.64 6.30
C GLY B 478 11.83 31.78 5.67
N LEU B 479 12.09 32.99 6.14
CA LEU B 479 11.41 34.14 5.59
C LEU B 479 12.12 34.60 4.32
N GLY B 480 13.36 34.18 4.15
CA GLY B 480 14.11 34.55 2.96
C GLY B 480 13.96 33.57 1.80
N ARG B 481 13.13 32.54 1.97
CA ARG B 481 12.93 31.54 0.93
C ARG B 481 11.65 31.72 0.17
N LYS B 482 11.51 30.90 -0.85
CA LYS B 482 10.31 30.89 -1.65
C LYS B 482 9.92 29.42 -1.80
N ILE B 483 8.66 29.18 -2.11
CA ILE B 483 8.20 27.84 -2.30
C ILE B 483 8.23 27.61 -3.81
N LEU B 484 9.24 26.84 -4.24
CA LEU B 484 9.43 26.55 -5.64
C LEU B 484 8.93 25.21 -6.17
N VAL B 485 8.45 24.35 -5.27
CA VAL B 485 7.89 23.06 -5.67
C VAL B 485 6.46 23.31 -6.17
N PRO B 486 5.84 22.37 -6.90
CA PRO B 486 4.46 22.62 -7.37
C PRO B 486 3.43 22.87 -6.25
N ALA B 487 2.61 23.90 -6.40
CA ALA B 487 1.61 24.27 -5.39
C ALA B 487 0.27 24.62 -5.95
N LEU B 488 -0.77 24.37 -5.15
CA LEU B 488 -2.17 24.62 -5.50
C LEU B 488 -2.88 25.25 -4.30
N MET B 489 -3.78 26.19 -4.60
CA MET B 489 -4.52 26.83 -3.56
C MET B 489 -5.95 26.81 -3.96
N VAL B 490 -6.76 26.16 -3.16
CA VAL B 490 -8.16 26.09 -3.45
C VAL B 490 -8.83 26.88 -2.33
N THR B 491 -9.67 27.84 -2.73
CA THR B 491 -10.35 28.69 -1.77
C THR B 491 -11.83 28.40 -1.73
N ALA B 492 -12.40 28.44 -0.51
CA ALA B 492 -13.84 28.21 -0.32
C ALA B 492 -14.47 29.61 -0.17
N GLU B 493 -15.46 29.90 -1.01
CA GLU B 493 -16.09 31.21 -1.00
C GLU B 493 -16.66 31.70 0.33
N LYS B 494 -17.72 31.06 0.80
CA LYS B 494 -18.40 31.43 2.04
C LYS B 494 -17.77 30.88 3.34
N ASP B 495 -16.43 30.80 3.37
CA ASP B 495 -15.74 30.30 4.55
C ASP B 495 -15.49 31.46 5.44
N ILE B 496 -16.28 31.52 6.52
CA ILE B 496 -16.22 32.58 7.51
C ILE B 496 -14.78 32.88 7.91
N VAL B 497 -14.13 32.00 8.67
CA VAL B 497 -12.72 32.27 9.02
C VAL B 497 -11.97 31.65 7.87
N LEU B 498 -10.76 32.11 7.56
CA LEU B 498 -10.03 31.55 6.41
C LEU B 498 -10.79 31.93 5.12
N ARG B 499 -10.99 33.21 4.95
CA ARG B 499 -11.71 33.72 3.80
C ARG B 499 -10.74 33.77 2.60
N PRO B 500 -11.27 33.56 1.37
CA PRO B 500 -10.43 33.62 0.17
C PRO B 500 -9.46 34.81 0.21
N GLU B 501 -10.02 36.00 0.34
CA GLU B 501 -9.25 37.24 0.41
C GLU B 501 -7.93 37.15 1.21
N MET B 502 -7.80 36.18 2.12
CA MET B 502 -6.57 36.07 2.91
C MET B 502 -5.41 35.50 2.09
N SER B 503 -5.68 35.08 0.86
CA SER B 503 -4.63 34.50 0.01
C SER B 503 -4.01 35.41 -1.04
N LYS B 504 -4.71 36.48 -1.40
CA LYS B 504 -4.29 37.44 -2.42
C LYS B 504 -2.78 37.70 -2.54
N ASN B 505 -2.09 37.82 -1.41
CA ASN B 505 -0.67 38.10 -1.43
C ASN B 505 0.24 36.89 -1.68
N MET B 506 -0.27 35.69 -1.38
CA MET B 506 0.45 34.40 -1.51
C MET B 506 1.55 34.20 -2.55
N GLU B 507 1.30 34.67 -3.77
CA GLU B 507 2.31 34.51 -4.83
C GLU B 507 3.60 35.28 -4.61
N LYS B 508 3.69 36.12 -3.57
CA LYS B 508 4.95 36.84 -3.35
C LYS B 508 5.97 35.82 -2.88
N TRP B 509 5.46 34.72 -2.35
CA TRP B 509 6.26 33.63 -1.79
C TRP B 509 6.23 32.44 -2.71
N ILE B 510 5.09 32.26 -3.34
CA ILE B 510 4.88 31.13 -4.20
C ILE B 510 4.52 31.52 -5.63
N PRO B 511 5.54 31.90 -6.43
CA PRO B 511 5.16 32.27 -7.80
C PRO B 511 4.78 30.95 -8.43
N PHE B 512 4.09 30.99 -9.56
CA PHE B 512 3.67 29.75 -10.23
C PHE B 512 2.57 29.03 -9.48
N LEU B 513 2.21 29.54 -8.31
CA LEU B 513 1.13 28.95 -7.52
C LEU B 513 -0.10 28.84 -8.40
N LYS B 514 -0.62 27.64 -8.56
CA LYS B 514 -1.82 27.42 -9.36
C LYS B 514 -2.98 27.69 -8.44
N ARG B 515 -4.19 27.75 -8.98
CA ARG B 515 -5.30 28.10 -8.11
C ARG B 515 -6.63 27.50 -8.49
N GLY B 516 -7.47 27.30 -7.49
CA GLY B 516 -8.80 26.78 -7.72
C GLY B 516 -9.73 27.51 -6.76
N HIS B 517 -11.02 27.47 -7.02
CA HIS B 517 -11.96 28.15 -6.16
C HIS B 517 -13.36 27.54 -6.20
N ILE B 518 -13.95 27.30 -5.04
CA ILE B 518 -15.30 26.73 -4.98
C ILE B 518 -16.33 27.72 -4.39
N GLU B 519 -17.45 27.92 -5.08
CA GLU B 519 -18.52 28.83 -4.65
C GLU B 519 -19.44 28.19 -3.62
N ASP B 520 -20.38 28.96 -3.09
CA ASP B 520 -21.34 28.47 -2.09
C ASP B 520 -20.77 27.40 -1.15
N CYS B 521 -19.50 27.55 -0.80
CA CYS B 521 -18.85 26.57 0.04
C CYS B 521 -18.25 27.14 1.32
N GLY B 522 -18.51 26.43 2.42
CA GLY B 522 -18.03 26.83 3.73
C GLY B 522 -16.66 26.28 4.05
N HIS B 523 -16.42 26.02 5.32
CA HIS B 523 -15.14 25.51 5.77
C HIS B 523 -14.88 24.03 5.49
N TRP B 524 -15.94 23.24 5.56
CA TRP B 524 -15.86 21.80 5.33
C TRP B 524 -16.00 21.54 3.85
N THR B 525 -14.93 21.88 3.12
CA THR B 525 -14.89 21.76 1.67
C THR B 525 -15.09 20.36 1.18
N GLN B 526 -14.27 19.46 1.72
CA GLN B 526 -14.31 18.04 1.34
C GLN B 526 -15.69 17.45 1.52
N ILE B 527 -16.29 17.70 2.68
CA ILE B 527 -17.62 17.17 2.97
C ILE B 527 -18.77 17.95 2.33
N GLU B 528 -18.56 19.23 2.01
CA GLU B 528 -19.63 20.03 1.43
C GLU B 528 -19.69 20.05 -0.11
N LYS B 529 -18.53 20.10 -0.75
CA LYS B 529 -18.46 20.14 -2.19
C LYS B 529 -17.38 19.11 -2.55
N PRO B 530 -17.68 17.83 -2.29
CA PRO B 530 -16.74 16.72 -2.56
C PRO B 530 -16.41 16.50 -4.02
N THR B 531 -17.47 16.31 -4.80
CA THR B 531 -17.31 16.09 -6.21
C THR B 531 -16.50 17.23 -6.85
N GLU B 532 -16.84 18.46 -6.52
CA GLU B 532 -16.13 19.59 -7.07
C GLU B 532 -14.67 19.56 -6.58
N VAL B 533 -14.46 19.20 -5.32
CA VAL B 533 -13.09 19.17 -4.79
C VAL B 533 -12.29 18.10 -5.52
N ASN B 534 -12.97 16.98 -5.75
CA ASN B 534 -12.36 15.84 -6.42
C ASN B 534 -11.95 16.22 -7.84
N GLN B 535 -12.87 16.79 -8.58
CA GLN B 535 -12.60 17.24 -9.94
C GLN B 535 -11.34 18.06 -9.95
N ILE B 536 -11.33 19.13 -9.16
CA ILE B 536 -10.20 20.04 -9.11
C ILE B 536 -8.90 19.32 -8.77
N LEU B 537 -8.95 18.55 -7.70
CA LEU B 537 -7.76 17.88 -7.23
C LEU B 537 -7.15 16.93 -8.26
N ILE B 538 -7.99 16.18 -8.95
CA ILE B 538 -7.47 15.27 -9.95
C ILE B 538 -6.80 16.02 -11.10
N LYS B 539 -7.51 16.99 -11.70
CA LYS B 539 -6.95 17.77 -12.81
C LYS B 539 -5.59 18.30 -12.45
N TRP B 540 -5.46 18.78 -11.22
CA TRP B 540 -4.18 19.32 -10.80
C TRP B 540 -3.11 18.21 -10.74
N LEU B 541 -3.45 17.06 -10.17
CA LEU B 541 -2.50 15.98 -10.06
C LEU B 541 -2.10 15.47 -11.43
N GLN B 542 -3.07 15.34 -12.34
CA GLN B 542 -2.79 14.90 -13.71
C GLN B 542 -1.94 15.97 -14.39
N THR B 543 -2.46 17.19 -14.52
CA THR B 543 -1.71 18.28 -15.14
C THR B 543 -0.27 18.39 -14.62
N GLU B 544 -0.04 18.59 -13.32
CA GLU B 544 1.35 18.69 -12.79
C GLU B 544 1.75 17.57 -11.79
#